data_4RPO
#
_entry.id   4RPO
#
_cell.length_a   169.751
_cell.length_b   169.751
_cell.length_c   110.115
_cell.angle_alpha   90.00
_cell.angle_beta   90.00
_cell.angle_gamma   120.00
#
_symmetry.space_group_name_H-M   'H 3'
#
loop_
_entity.id
_entity.type
_entity.pdbx_description
1 polymer 'PCP degradation transcriptional activation protein'
2 non-polymer 2,4,6-trichlorophenol
3 non-polymer GLYCEROL
4 non-polymer 'DIMETHYL SULFOXIDE'
5 water water
#
_entity_poly.entity_id   1
_entity_poly.type   'polypeptide(L)'
_entity_poly.pdbx_seq_one_letter_code
;RSELRFDPGTSNRNFRIAASDFGQALMLPRLYATLEETAPQVRVTGVNLRHGPLVEELESGSIDIAFGGFPTLSAGIKTQ
TLFREEYVCVMRQSHPALTHGLDLEAFRQCRHIIVTAHEFNHVHEQVEARLLELLPPESIRFTTENFLVSAVIAEETDVI
LTIPSRLARWFANRGGLTIFPVPIELPSIEVKQYWHERYDKDPGNIWLRRVIAKIGFQNPPAE
;
_entity_poly.pdbx_strand_id   A,B,C,D
#
loop_
_chem_comp.id
_chem_comp.type
_chem_comp.name
_chem_comp.formula
DMS non-polymer 'DIMETHYL SULFOXIDE' 'C2 H6 O S'
GOL non-polymer GLYCEROL 'C3 H8 O3'
T6C non-polymer 2,4,6-trichlorophenol 'C6 H3 Cl3 O'
#
# COMPACT_ATOMS: atom_id res chain seq x y z
N ARG A 5 -13.37 -40.14 22.58
CA ARG A 5 -13.66 -40.08 21.15
C ARG A 5 -13.22 -38.75 20.52
N PHE A 6 -13.16 -37.68 21.33
CA PHE A 6 -12.76 -36.35 20.81
C PHE A 6 -12.39 -35.33 21.91
N ASP A 7 -11.18 -34.78 21.81
CA ASP A 7 -10.72 -33.70 22.69
C ASP A 7 -10.17 -32.54 21.85
N PRO A 8 -10.83 -31.36 21.88
CA PRO A 8 -10.45 -30.28 20.97
C PRO A 8 -9.02 -29.78 21.13
N GLY A 9 -8.51 -29.74 22.36
CA GLY A 9 -7.18 -29.22 22.62
C GLY A 9 -6.07 -30.06 22.04
N THR A 10 -6.39 -31.29 21.64
CA THR A 10 -5.39 -32.22 21.12
C THR A 10 -5.78 -32.77 19.75
N SER A 11 -7.03 -32.58 19.35
CA SER A 11 -7.49 -33.16 18.10
C SER A 11 -6.82 -32.59 16.86
N ASN A 12 -6.60 -33.44 15.86
CA ASN A 12 -6.16 -32.96 14.56
C ASN A 12 -7.21 -33.27 13.52
N ARG A 13 -8.47 -33.36 13.94
CA ARG A 13 -9.56 -33.68 13.04
C ARG A 13 -9.81 -32.59 12.00
N ASN A 14 -10.14 -32.99 10.78
CA ASN A 14 -10.47 -32.04 9.72
C ASN A 14 -11.98 -32.04 9.47
N PHE A 15 -12.64 -31.01 9.99
CA PHE A 15 -14.07 -30.87 9.78
C PHE A 15 -14.38 -30.24 8.42
N ARG A 16 -15.39 -30.79 7.75
CA ARG A 16 -15.78 -30.33 6.42
C ARG A 16 -17.17 -29.72 6.50
N ILE A 17 -17.27 -28.44 6.18
CA ILE A 17 -18.56 -27.75 6.22
C ILE A 17 -18.98 -27.41 4.80
N ALA A 18 -20.12 -27.91 4.36
CA ALA A 18 -20.66 -27.59 3.04
C ALA A 18 -21.40 -26.27 3.10
N ALA A 19 -21.11 -25.34 2.19
CA ALA A 19 -21.79 -24.03 2.17
C ALA A 19 -21.53 -23.32 0.86
N SER A 20 -22.32 -22.30 0.54
CA SER A 20 -22.03 -21.42 -0.59
C SER A 20 -20.70 -20.75 -0.34
N ASP A 21 -20.16 -20.08 -1.36
CA ASP A 21 -18.86 -19.47 -1.14
C ASP A 21 -19.01 -18.33 -0.11
N PHE A 22 -20.12 -17.59 -0.14
CA PHE A 22 -20.27 -16.59 0.91
C PHE A 22 -20.45 -17.24 2.29
N GLY A 23 -21.20 -18.34 2.36
CA GLY A 23 -21.34 -19.03 3.63
C GLY A 23 -20.02 -19.46 4.23
N GLN A 24 -19.12 -19.98 3.39
CA GLN A 24 -17.79 -20.30 3.84
C GLN A 24 -17.03 -19.07 4.34
N ALA A 25 -17.15 -17.98 3.59
CA ALA A 25 -16.45 -16.76 3.96
C ALA A 25 -17.03 -16.15 5.24
N LEU A 26 -18.31 -16.40 5.49
CA LEU A 26 -18.97 -15.94 6.72
C LEU A 26 -18.55 -16.79 7.92
N MET A 27 -18.54 -18.10 7.73
CA MET A 27 -18.34 -19.06 8.81
C MET A 27 -16.89 -19.15 9.28
N LEU A 28 -15.97 -19.41 8.34
CA LEU A 28 -14.60 -19.79 8.77
C LEU A 28 -13.88 -18.73 9.57
N PRO A 29 -13.95 -17.44 9.16
CA PRO A 29 -13.26 -16.45 9.99
C PRO A 29 -13.85 -16.40 11.40
N ARG A 30 -15.12 -16.76 11.56
CA ARG A 30 -15.72 -16.69 12.89
C ARG A 30 -15.41 -17.92 13.75
N LEU A 31 -14.70 -18.88 13.16
CA LEU A 31 -14.22 -20.05 13.90
C LEU A 31 -12.77 -19.87 14.35
N TYR A 32 -12.06 -18.93 13.72
CA TYR A 32 -10.59 -18.84 13.88
C TYR A 32 -10.13 -18.69 15.34
N ALA A 33 -10.71 -17.75 16.08
CA ALA A 33 -10.33 -17.52 17.48
C ALA A 33 -10.54 -18.77 18.33
N THR A 34 -11.70 -19.40 18.18
CA THR A 34 -11.95 -20.65 18.89
C THR A 34 -10.87 -21.68 18.59
N LEU A 35 -10.51 -21.84 17.32
CA LEU A 35 -9.49 -22.80 16.95
C LEU A 35 -8.13 -22.41 17.53
N GLU A 36 -7.75 -21.15 17.42
CA GLU A 36 -6.45 -20.70 17.95
C GLU A 36 -6.34 -20.97 19.45
N GLU A 37 -7.42 -20.72 20.16
CA GLU A 37 -7.37 -20.71 21.62
C GLU A 37 -7.72 -22.04 22.24
N THR A 38 -8.54 -22.84 21.58
CA THR A 38 -9.01 -24.07 22.21
C THR A 38 -8.77 -25.33 21.38
N ALA A 39 -8.46 -25.19 20.09
CA ALA A 39 -8.34 -26.38 19.24
C ALA A 39 -7.32 -26.18 18.12
N PRO A 40 -6.03 -26.00 18.51
CA PRO A 40 -4.99 -25.47 17.61
C PRO A 40 -4.61 -26.42 16.48
N GLN A 41 -5.01 -27.68 16.52
CA GLN A 41 -4.67 -28.58 15.42
C GLN A 41 -5.88 -29.02 14.64
N VAL A 42 -7.05 -28.55 15.03
CA VAL A 42 -8.26 -28.87 14.27
C VAL A 42 -8.29 -28.03 12.99
N ARG A 43 -8.58 -28.68 11.87
CA ARG A 43 -8.63 -28.00 10.57
C ARG A 43 -10.08 -27.89 10.10
N VAL A 44 -10.43 -26.78 9.46
CA VAL A 44 -11.78 -26.64 8.90
C VAL A 44 -11.69 -26.40 7.41
N THR A 45 -12.43 -27.22 6.65
CA THR A 45 -12.42 -27.14 5.21
C THR A 45 -13.79 -26.66 4.72
N GLY A 46 -13.82 -25.61 3.92
CA GLY A 46 -15.06 -25.17 3.29
C GLY A 46 -15.25 -25.98 2.02
N VAL A 47 -16.42 -26.59 1.89
CA VAL A 47 -16.72 -27.41 0.73
C VAL A 47 -17.83 -26.78 -0.10
N ASN A 48 -17.59 -26.56 -1.39
CA ASN A 48 -18.62 -26.00 -2.27
C ASN A 48 -19.85 -26.90 -2.40
N LEU A 49 -21.00 -26.29 -2.65
CA LEU A 49 -22.23 -27.01 -2.85
C LEU A 49 -22.17 -27.69 -4.20
N ARG A 50 -22.76 -28.87 -4.32
CA ARG A 50 -22.71 -29.63 -5.56
C ARG A 50 -24.11 -30.04 -5.98
N HIS A 51 -24.23 -30.60 -7.17
CA HIS A 51 -25.55 -30.86 -7.72
C HIS A 51 -26.20 -32.11 -7.10
N GLY A 52 -25.38 -33.04 -6.62
CA GLY A 52 -25.89 -34.27 -6.02
C GLY A 52 -26.58 -34.05 -4.68
N PRO A 53 -27.32 -35.07 -4.20
CA PRO A 53 -28.04 -34.99 -2.92
C PRO A 53 -27.10 -34.72 -1.75
N LEU A 54 -27.33 -33.61 -1.05
CA LEU A 54 -26.50 -33.28 0.11
C LEU A 54 -26.77 -34.22 1.30
N VAL A 55 -27.94 -34.84 1.34
CA VAL A 55 -28.29 -35.69 2.47
C VAL A 55 -27.37 -36.91 2.52
N GLU A 56 -26.97 -37.39 1.34
CA GLU A 56 -26.05 -38.52 1.23
C GLU A 56 -24.64 -38.15 1.69
N GLU A 57 -24.21 -36.92 1.41
CA GLU A 57 -22.91 -36.49 1.88
C GLU A 57 -22.90 -36.39 3.40
N LEU A 58 -23.99 -35.92 3.99
CA LEU A 58 -24.06 -35.85 5.44
C LEU A 58 -24.15 -37.25 6.03
N GLU A 59 -24.95 -38.10 5.39
CA GLU A 59 -25.13 -39.49 5.83
C GLU A 59 -23.79 -40.24 5.86
N SER A 60 -23.00 -40.09 4.81
CA SER A 60 -21.78 -40.86 4.69
C SER A 60 -20.65 -40.34 5.55
N GLY A 61 -20.84 -39.16 6.15
CA GLY A 61 -19.74 -38.55 6.89
C GLY A 61 -18.77 -37.78 6.00
N SER A 62 -19.10 -37.70 4.71
CA SER A 62 -18.28 -36.95 3.76
C SER A 62 -18.29 -35.44 4.06
N ILE A 63 -19.41 -34.95 4.60
CA ILE A 63 -19.55 -33.59 5.08
C ILE A 63 -20.00 -33.67 6.55
N ASP A 64 -19.40 -32.87 7.42
CA ASP A 64 -19.79 -32.93 8.83
C ASP A 64 -21.05 -32.11 9.10
N ILE A 65 -21.07 -30.90 8.55
CA ILE A 65 -22.16 -29.94 8.76
C ILE A 65 -22.43 -29.24 7.44
N ALA A 66 -23.71 -29.03 7.10
CA ALA A 66 -24.10 -28.12 6.04
C ALA A 66 -24.59 -26.80 6.66
N PHE A 67 -24.16 -25.67 6.08
CA PHE A 67 -24.48 -24.35 6.62
C PHE A 67 -25.11 -23.55 5.49
N GLY A 68 -26.34 -23.10 5.70
CA GLY A 68 -27.05 -22.34 4.69
C GLY A 68 -28.54 -22.58 4.81
N GLY A 69 -29.25 -22.50 3.70
CA GLY A 69 -30.67 -22.78 3.71
C GLY A 69 -30.93 -23.81 2.64
N PHE A 70 -31.36 -25.00 3.06
CA PHE A 70 -31.52 -26.13 2.15
C PHE A 70 -32.91 -26.74 2.35
N PRO A 71 -33.91 -26.25 1.60
CA PRO A 71 -35.32 -26.63 1.80
C PRO A 71 -35.61 -28.12 1.56
N THR A 72 -34.75 -28.84 0.84
CA THR A 72 -34.97 -30.26 0.60
C THR A 72 -34.29 -31.19 1.59
N LEU A 73 -33.52 -30.64 2.52
CA LEU A 73 -32.97 -31.46 3.59
C LEU A 73 -34.04 -31.69 4.64
N SER A 74 -34.44 -32.94 4.84
CA SER A 74 -35.44 -33.21 5.86
C SER A 74 -35.30 -34.58 6.50
N ALA A 75 -35.69 -35.63 5.79
CA ALA A 75 -35.66 -36.97 6.36
C ALA A 75 -34.22 -37.34 6.72
N GLY A 76 -34.01 -37.73 7.96
CA GLY A 76 -32.69 -38.11 8.42
C GLY A 76 -31.86 -36.95 8.94
N ILE A 77 -32.40 -35.73 8.87
CA ILE A 77 -31.61 -34.53 9.12
C ILE A 77 -32.08 -33.77 10.34
N LYS A 78 -31.13 -33.36 11.18
CA LYS A 78 -31.42 -32.46 12.29
C LYS A 78 -30.95 -31.05 11.93
N THR A 79 -31.66 -30.04 12.42
CA THR A 79 -31.31 -28.66 12.10
C THR A 79 -31.29 -27.77 13.32
N GLN A 80 -30.52 -26.69 13.23
CA GLN A 80 -30.63 -25.59 14.17
C GLN A 80 -30.67 -24.30 13.37
N THR A 81 -31.73 -23.53 13.52
CA THR A 81 -31.89 -22.28 12.79
C THR A 81 -31.11 -21.18 13.46
N LEU A 82 -30.14 -20.61 12.75
CA LEU A 82 -29.18 -19.72 13.37
C LEU A 82 -29.56 -18.25 13.22
N PHE A 83 -30.04 -17.86 12.03
CA PHE A 83 -30.43 -16.47 11.86
C PHE A 83 -31.26 -16.29 10.61
N ARG A 84 -31.86 -15.12 10.51
CA ARG A 84 -32.72 -14.77 9.40
C ARG A 84 -32.05 -13.67 8.59
N GLU A 85 -32.27 -13.67 7.28
CA GLU A 85 -31.54 -12.79 6.39
C GLU A 85 -32.48 -12.20 5.36
N GLU A 86 -32.24 -10.95 4.98
CA GLU A 86 -33.04 -10.30 3.96
C GLU A 86 -32.16 -9.84 2.81
N TYR A 87 -32.76 -9.58 1.66
CA TYR A 87 -32.03 -9.23 0.46
C TYR A 87 -32.02 -7.74 0.18
N VAL A 88 -30.96 -7.27 -0.47
CA VAL A 88 -30.81 -5.91 -0.98
C VAL A 88 -30.22 -5.97 -2.39
N CYS A 89 -30.10 -4.81 -3.04
CA CYS A 89 -29.43 -4.69 -4.34
C CYS A 89 -28.14 -3.92 -4.15
N VAL A 90 -27.12 -4.23 -4.95
CA VAL A 90 -25.94 -3.40 -4.97
C VAL A 90 -25.61 -3.00 -6.40
N MET A 91 -24.98 -1.84 -6.53
CA MET A 91 -24.43 -1.37 -7.79
C MET A 91 -23.16 -0.61 -7.46
N ARG A 92 -22.21 -0.53 -8.40
CA ARG A 92 -21.00 0.24 -8.11
C ARG A 92 -21.31 1.73 -8.08
N GLN A 93 -20.54 2.49 -7.30
CA GLN A 93 -20.84 3.89 -7.05
C GLN A 93 -20.86 4.76 -8.29
N SER A 94 -20.17 4.32 -9.34
CA SER A 94 -20.18 5.03 -10.62
C SER A 94 -21.23 4.52 -11.62
N HIS A 95 -22.28 3.88 -11.10
CA HIS A 95 -23.38 3.38 -11.96
C HIS A 95 -24.38 4.51 -12.21
N PRO A 96 -24.84 4.66 -13.47
CA PRO A 96 -25.77 5.75 -13.86
C PRO A 96 -27.05 5.84 -13.03
N ALA A 97 -27.68 4.70 -12.75
CA ALA A 97 -28.95 4.70 -12.04
C ALA A 97 -28.80 5.15 -10.60
N LEU A 98 -27.56 5.43 -10.18
CA LEU A 98 -27.29 5.80 -8.80
C LEU A 98 -28.11 7.03 -8.43
N THR A 99 -28.12 8.01 -9.34
CA THR A 99 -28.78 9.29 -9.13
C THR A 99 -30.29 9.21 -9.35
N HIS A 100 -30.68 8.68 -10.52
CA HIS A 100 -32.09 8.47 -10.89
C HIS A 100 -32.90 7.82 -9.77
N GLY A 101 -32.37 6.72 -9.25
CA GLY A 101 -33.07 5.92 -8.26
C GLY A 101 -33.30 4.53 -8.83
N LEU A 102 -33.67 3.59 -7.97
CA LEU A 102 -33.88 2.24 -8.44
C LEU A 102 -35.34 1.82 -8.35
N ASP A 103 -36.22 2.57 -9.03
CA ASP A 103 -37.61 2.12 -9.18
C ASP A 103 -37.63 0.82 -9.98
N LEU A 104 -38.74 0.10 -9.94
CA LEU A 104 -38.83 -1.19 -10.61
C LEU A 104 -38.59 -1.11 -12.11
N GLU A 105 -39.12 -0.09 -12.76
CA GLU A 105 -38.92 0.09 -14.18
C GLU A 105 -37.43 0.27 -14.52
N ALA A 106 -36.76 1.16 -13.79
CA ALA A 106 -35.34 1.41 -14.02
C ALA A 106 -34.52 0.14 -13.67
N PHE A 107 -34.96 -0.60 -12.66
CA PHE A 107 -34.32 -1.85 -12.25
C PHE A 107 -34.35 -2.83 -13.41
N ARG A 108 -35.53 -3.02 -13.98
CA ARG A 108 -35.72 -3.91 -15.12
C ARG A 108 -34.91 -3.53 -16.35
N GLN A 109 -34.61 -2.25 -16.55
CA GLN A 109 -33.86 -1.90 -17.75
C GLN A 109 -32.36 -1.89 -17.50
N CYS A 110 -31.94 -2.08 -16.25
CA CYS A 110 -30.52 -2.26 -15.98
C CYS A 110 -30.06 -3.61 -16.44
N ARG A 111 -28.75 -3.79 -16.49
CA ARG A 111 -28.17 -5.11 -16.71
C ARG A 111 -27.94 -5.82 -15.37
N HIS A 112 -28.16 -7.12 -15.33
CA HIS A 112 -28.03 -7.87 -14.09
C HIS A 112 -27.01 -9.00 -14.12
N ILE A 113 -26.41 -9.29 -12.97
CA ILE A 113 -25.75 -10.56 -12.79
C ILE A 113 -26.57 -11.34 -11.78
N ILE A 114 -26.89 -12.59 -12.11
CA ILE A 114 -27.71 -13.39 -11.21
C ILE A 114 -26.90 -14.55 -10.63
N VAL A 115 -26.97 -14.72 -9.32
CA VAL A 115 -26.36 -15.90 -8.72
C VAL A 115 -27.36 -17.04 -8.82
N THR A 116 -26.96 -18.11 -9.49
CA THR A 116 -27.86 -19.23 -9.69
C THR A 116 -27.61 -20.24 -8.57
N ALA A 117 -28.69 -20.67 -7.91
CA ALA A 117 -28.57 -21.59 -6.79
C ALA A 117 -29.48 -22.82 -6.93
N HIS A 118 -30.37 -22.80 -7.91
CA HIS A 118 -31.39 -23.86 -8.02
C HIS A 118 -30.74 -25.22 -8.26
N GLU A 119 -29.58 -25.27 -8.91
CA GLU A 119 -28.94 -26.55 -9.13
C GLU A 119 -28.35 -27.15 -7.87
N PHE A 120 -28.14 -26.32 -6.85
CA PHE A 120 -27.61 -26.81 -5.58
C PHE A 120 -28.66 -26.92 -4.52
N ASN A 121 -29.91 -26.62 -4.89
CA ASN A 121 -31.03 -26.66 -3.96
C ASN A 121 -30.78 -25.83 -2.69
N HIS A 122 -30.22 -24.65 -2.91
CA HIS A 122 -29.98 -23.66 -1.86
C HIS A 122 -31.14 -22.67 -1.89
N VAL A 123 -31.54 -22.15 -0.74
CA VAL A 123 -32.73 -21.32 -0.66
C VAL A 123 -32.68 -20.02 -1.48
N HIS A 124 -31.47 -19.60 -1.87
CA HIS A 124 -31.36 -18.45 -2.77
C HIS A 124 -32.12 -18.67 -4.08
N GLU A 125 -32.34 -19.93 -4.43
CA GLU A 125 -33.16 -20.28 -5.61
C GLU A 125 -34.53 -19.58 -5.61
N GLN A 126 -35.03 -19.23 -4.43
CA GLN A 126 -36.33 -18.56 -4.33
C GLN A 126 -36.23 -17.14 -4.87
N VAL A 127 -35.15 -16.47 -4.50
CA VAL A 127 -34.91 -15.11 -4.97
C VAL A 127 -34.55 -15.16 -6.46
N GLU A 128 -33.72 -16.12 -6.83
CA GLU A 128 -33.37 -16.34 -8.25
C GLU A 128 -34.63 -16.45 -9.12
N ALA A 129 -35.57 -17.28 -8.68
CA ALA A 129 -36.85 -17.49 -9.37
C ALA A 129 -37.64 -16.18 -9.49
N ARG A 130 -37.71 -15.40 -8.42
CA ARG A 130 -38.45 -14.13 -8.45
C ARG A 130 -37.83 -13.11 -9.42
N LEU A 131 -36.50 -13.06 -9.47
CA LEU A 131 -35.81 -12.18 -10.40
C LEU A 131 -36.07 -12.62 -11.84
N LEU A 132 -35.93 -13.91 -12.11
CA LEU A 132 -36.07 -14.43 -13.46
C LEU A 132 -37.49 -14.20 -13.97
N GLU A 133 -38.44 -14.21 -13.04
CA GLU A 133 -39.84 -13.96 -13.35
C GLU A 133 -40.09 -12.52 -13.79
N LEU A 134 -39.44 -11.58 -13.11
CA LEU A 134 -39.71 -10.18 -13.34
C LEU A 134 -38.83 -9.55 -14.41
N LEU A 135 -37.61 -10.06 -14.58
CA LEU A 135 -36.68 -9.41 -15.45
C LEU A 135 -36.84 -9.90 -16.87
N PRO A 136 -36.70 -9.00 -17.85
CA PRO A 136 -36.67 -9.49 -19.22
C PRO A 136 -35.37 -10.25 -19.46
N PRO A 137 -35.41 -11.29 -20.29
CA PRO A 137 -34.24 -12.12 -20.52
C PRO A 137 -33.05 -11.31 -21.02
N GLU A 138 -33.30 -10.22 -21.73
CA GLU A 138 -32.21 -9.42 -22.27
C GLU A 138 -31.54 -8.59 -21.17
N SER A 139 -32.17 -8.52 -20.01
CA SER A 139 -31.62 -7.77 -18.87
C SER A 139 -30.56 -8.56 -18.10
N ILE A 140 -30.50 -9.86 -18.33
CA ILE A 140 -29.58 -10.70 -17.59
C ILE A 140 -28.32 -10.93 -18.41
N ARG A 141 -27.23 -10.28 -18.03
CA ARG A 141 -26.01 -10.34 -18.81
C ARG A 141 -25.09 -11.48 -18.36
N PHE A 142 -25.01 -11.69 -17.05
CA PHE A 142 -24.13 -12.70 -16.47
C PHE A 142 -24.86 -13.62 -15.50
N THR A 143 -24.35 -14.84 -15.38
CA THR A 143 -24.78 -15.75 -14.33
C THR A 143 -23.55 -16.42 -13.72
N THR A 144 -23.56 -16.67 -12.41
CA THR A 144 -22.50 -17.41 -11.78
C THR A 144 -23.09 -18.20 -10.61
N GLU A 145 -22.39 -19.21 -10.15
CA GLU A 145 -22.85 -19.96 -8.99
C GLU A 145 -22.27 -19.35 -7.70
N ASN A 146 -21.29 -18.47 -7.86
CA ASN A 146 -20.56 -17.93 -6.72
C ASN A 146 -20.97 -16.52 -6.35
N PHE A 147 -21.41 -16.32 -5.11
CA PHE A 147 -21.74 -14.96 -4.64
C PHE A 147 -20.56 -13.98 -4.67
N LEU A 148 -19.36 -14.43 -4.31
CA LEU A 148 -18.23 -13.50 -4.24
C LEU A 148 -17.79 -13.09 -5.63
N VAL A 149 -17.87 -14.04 -6.57
CA VAL A 149 -17.62 -13.71 -7.96
C VAL A 149 -18.57 -12.62 -8.42
N SER A 150 -19.85 -12.78 -8.12
CA SER A 150 -20.81 -11.81 -8.60
C SER A 150 -20.56 -10.43 -7.97
N ALA A 151 -20.07 -10.39 -6.74
CA ALA A 151 -19.81 -9.12 -6.07
C ALA A 151 -18.60 -8.42 -6.70
N VAL A 152 -17.56 -9.17 -7.05
CA VAL A 152 -16.44 -8.62 -7.77
C VAL A 152 -16.87 -8.04 -9.11
N ILE A 153 -17.73 -8.76 -9.83
CA ILE A 153 -18.20 -8.27 -11.13
C ILE A 153 -19.06 -7.00 -11.02
N ALA A 154 -19.92 -6.95 -10.02
CA ALA A 154 -20.70 -5.73 -9.74
C ALA A 154 -19.79 -4.56 -9.39
N GLU A 155 -18.72 -4.83 -8.64
CA GLU A 155 -17.79 -3.77 -8.27
C GLU A 155 -17.12 -3.19 -9.52
N GLU A 156 -16.96 -4.01 -10.54
CA GLU A 156 -16.14 -3.65 -11.70
C GLU A 156 -16.90 -3.29 -12.98
N THR A 157 -18.21 -3.50 -13.00
CA THR A 157 -19.03 -3.27 -14.18
C THR A 157 -20.34 -2.62 -13.77
N ASP A 158 -21.18 -2.24 -14.72
CA ASP A 158 -22.45 -1.60 -14.34
C ASP A 158 -23.59 -2.60 -14.15
N VAL A 159 -23.32 -3.80 -13.70
CA VAL A 159 -24.43 -4.73 -13.47
C VAL A 159 -25.00 -4.56 -12.07
N ILE A 160 -26.30 -4.84 -11.95
CA ILE A 160 -26.98 -4.84 -10.67
C ILE A 160 -26.97 -6.26 -10.11
N LEU A 161 -26.70 -6.39 -8.82
CA LEU A 161 -26.64 -7.68 -8.15
C LEU A 161 -27.58 -7.68 -6.94
N THR A 162 -28.40 -8.71 -6.84
CA THR A 162 -29.36 -8.84 -5.74
C THR A 162 -28.87 -9.94 -4.80
N ILE A 163 -28.62 -9.60 -3.54
CA ILE A 163 -27.88 -10.49 -2.62
C ILE A 163 -28.29 -10.34 -1.18
N PRO A 164 -27.93 -11.32 -0.32
CA PRO A 164 -28.12 -11.18 1.12
C PRO A 164 -27.47 -9.92 1.66
N SER A 165 -28.15 -9.22 2.57
CA SER A 165 -27.65 -7.94 3.07
C SER A 165 -26.34 -8.07 3.85
N ARG A 166 -26.11 -9.22 4.48
CA ARG A 166 -24.84 -9.38 5.22
C ARG A 166 -23.64 -9.44 4.29
N LEU A 167 -23.82 -10.03 3.11
CA LEU A 167 -22.77 -10.00 2.08
C LEU A 167 -22.59 -8.59 1.55
N ALA A 168 -23.69 -7.93 1.25
CA ALA A 168 -23.68 -6.59 0.68
C ALA A 168 -23.00 -5.58 1.59
N ARG A 169 -23.40 -5.54 2.85
CA ARG A 169 -22.88 -4.51 3.77
C ARG A 169 -21.39 -4.71 4.00
N TRP A 170 -21.00 -5.95 4.24
CA TRP A 170 -19.60 -6.25 4.43
C TRP A 170 -18.80 -5.95 3.15
N PHE A 171 -19.32 -6.39 2.02
CA PHE A 171 -18.55 -6.23 0.79
C PHE A 171 -18.40 -4.77 0.35
N ALA A 172 -19.37 -3.94 0.72
CA ALA A 172 -19.37 -2.54 0.31
C ALA A 172 -18.29 -1.71 1.02
N ASN A 173 -17.80 -2.18 2.17
CA ASN A 173 -16.69 -1.50 2.87
C ASN A 173 -15.52 -1.22 1.95
N ARG A 174 -14.84 -2.28 1.52
CA ARG A 174 -13.76 -2.09 0.56
C ARG A 174 -14.36 -2.08 -0.85
N GLY A 175 -13.61 -1.51 -1.78
CA GLY A 175 -14.26 -1.07 -3.00
C GLY A 175 -15.47 -0.20 -2.65
N GLY A 176 -16.35 -0.08 -3.62
CA GLY A 176 -17.31 1.00 -3.58
C GLY A 176 -18.60 0.58 -4.25
N LEU A 177 -19.36 -0.23 -3.53
CA LEU A 177 -20.73 -0.54 -3.90
C LEU A 177 -21.66 0.35 -3.10
N THR A 178 -22.80 0.67 -3.70
CA THR A 178 -23.90 1.32 -3.00
C THR A 178 -25.06 0.32 -2.85
N ILE A 179 -25.61 0.25 -1.66
CA ILE A 179 -26.72 -0.64 -1.35
C ILE A 179 -28.06 0.07 -1.55
N PHE A 180 -28.99 -0.62 -2.23
CA PHE A 180 -30.36 -0.16 -2.46
C PHE A 180 -31.36 -1.23 -2.01
N PRO A 181 -32.57 -0.82 -1.60
CA PRO A 181 -33.62 -1.85 -1.43
C PRO A 181 -33.98 -2.46 -2.78
N VAL A 182 -34.35 -3.73 -2.81
CA VAL A 182 -34.80 -4.34 -4.05
C VAL A 182 -36.24 -3.88 -4.26
N PRO A 183 -36.58 -3.44 -5.49
CA PRO A 183 -37.95 -2.95 -5.76
C PRO A 183 -38.89 -4.10 -6.13
N ILE A 184 -38.72 -5.22 -5.42
CA ILE A 184 -39.46 -6.44 -5.65
C ILE A 184 -39.80 -6.94 -4.27
N GLU A 185 -40.96 -7.55 -4.10
CA GLU A 185 -41.25 -8.23 -2.85
C GLU A 185 -40.43 -9.50 -2.81
N LEU A 186 -39.54 -9.61 -1.84
CA LEU A 186 -38.74 -10.83 -1.70
C LEU A 186 -38.93 -11.46 -0.31
N PRO A 187 -38.89 -12.79 -0.23
CA PRO A 187 -38.96 -13.41 1.09
C PRO A 187 -37.65 -13.18 1.84
N SER A 188 -37.69 -13.27 3.16
CA SER A 188 -36.47 -13.41 3.94
C SER A 188 -36.11 -14.89 3.93
N ILE A 189 -34.87 -15.23 4.31
CA ILE A 189 -34.49 -16.63 4.34
C ILE A 189 -33.96 -16.99 5.72
N GLU A 190 -34.05 -18.27 6.05
CA GLU A 190 -33.48 -18.77 7.30
C GLU A 190 -32.18 -19.48 7.03
N VAL A 191 -31.15 -19.13 7.78
CA VAL A 191 -29.87 -19.81 7.66
C VAL A 191 -29.72 -20.75 8.84
N LYS A 192 -29.38 -22.00 8.57
CA LYS A 192 -29.31 -23.01 9.62
C LYS A 192 -28.01 -23.81 9.52
N GLN A 193 -27.70 -24.58 10.56
CA GLN A 193 -26.69 -25.64 10.38
C GLN A 193 -27.42 -26.98 10.38
N TYR A 194 -26.99 -27.86 9.48
CA TYR A 194 -27.65 -29.15 9.25
C TYR A 194 -26.68 -30.30 9.52
N TRP A 195 -27.15 -31.33 10.22
CA TRP A 195 -26.34 -32.53 10.40
C TRP A 195 -27.21 -33.78 10.31
N HIS A 196 -26.58 -34.91 10.05
CA HIS A 196 -27.33 -36.14 9.92
C HIS A 196 -27.55 -36.74 11.31
N GLU A 197 -28.69 -37.38 11.50
CA GLU A 197 -29.05 -37.89 12.82
C GLU A 197 -28.03 -38.95 13.24
N ARG A 198 -27.44 -39.59 12.26
CA ARG A 198 -26.37 -40.55 12.48
C ARG A 198 -25.21 -39.98 13.29
N TYR A 199 -24.99 -38.66 13.21
CA TYR A 199 -23.88 -38.04 13.93
C TYR A 199 -24.38 -37.11 15.04
N ASP A 200 -25.66 -37.21 15.37
CA ASP A 200 -26.22 -36.40 16.46
C ASP A 200 -25.44 -36.62 17.75
N LYS A 201 -24.87 -37.80 17.91
CA LYS A 201 -24.18 -38.14 19.15
C LYS A 201 -22.65 -38.17 19.01
N ASP A 202 -22.16 -37.90 17.81
CA ASP A 202 -20.71 -37.85 17.62
C ASP A 202 -20.14 -36.64 18.33
N PRO A 203 -19.25 -36.86 19.31
CA PRO A 203 -18.69 -35.82 20.16
C PRO A 203 -17.94 -34.73 19.40
N GLY A 204 -17.23 -35.08 18.33
CA GLY A 204 -16.59 -34.09 17.48
C GLY A 204 -17.62 -33.19 16.80
N ASN A 205 -18.64 -33.81 16.20
CA ASN A 205 -19.72 -33.07 15.57
C ASN A 205 -20.43 -32.20 16.60
N ILE A 206 -20.80 -32.80 17.73
CA ILE A 206 -21.39 -32.07 18.84
C ILE A 206 -20.60 -30.82 19.22
N TRP A 207 -19.29 -30.96 19.33
CA TRP A 207 -18.43 -29.85 19.69
C TRP A 207 -18.52 -28.74 18.63
N LEU A 208 -18.42 -29.11 17.36
CA LEU A 208 -18.39 -28.10 16.31
C LEU A 208 -19.74 -27.38 16.25
N ARG A 209 -20.83 -28.12 16.37
CA ARG A 209 -22.18 -27.53 16.34
C ARG A 209 -22.37 -26.51 17.43
N ARG A 210 -21.81 -26.78 18.60
CA ARG A 210 -22.02 -25.88 19.74
C ARG A 210 -21.17 -24.65 19.59
N VAL A 211 -20.00 -24.82 19.00
CA VAL A 211 -19.13 -23.68 18.67
C VAL A 211 -19.89 -22.76 17.70
N ILE A 212 -20.48 -23.36 16.68
CA ILE A 212 -21.25 -22.61 15.68
C ILE A 212 -22.43 -21.89 16.33
N ALA A 213 -23.12 -22.57 17.25
CA ALA A 213 -24.24 -21.94 17.94
C ALA A 213 -23.81 -20.74 18.78
N LYS A 214 -22.55 -20.67 19.17
CA LYS A 214 -22.11 -19.52 19.95
C LYS A 214 -21.65 -18.35 19.10
N ILE A 215 -21.56 -18.53 17.78
CA ILE A 215 -21.07 -17.45 16.91
C ILE A 215 -22.08 -16.30 16.76
N GLY A 216 -21.60 -15.07 16.86
CA GLY A 216 -22.40 -13.91 16.54
C GLY A 216 -22.23 -13.62 15.04
N PHE A 217 -23.21 -14.02 14.23
CA PHE A 217 -23.09 -13.85 12.78
C PHE A 217 -23.47 -12.44 12.35
N GLN A 218 -23.90 -11.61 13.29
CA GLN A 218 -24.22 -10.22 12.98
C GLN A 218 -23.04 -9.31 13.33
N ASN A 219 -22.02 -9.88 13.97
CA ASN A 219 -20.81 -9.15 14.39
C ASN A 219 -19.57 -9.58 13.61
N PRO A 220 -18.53 -8.72 13.56
CA PRO A 220 -17.27 -9.12 12.92
C PRO A 220 -16.69 -10.36 13.60
N PRO A 221 -15.77 -11.05 12.92
CA PRO A 221 -15.07 -12.19 13.53
C PRO A 221 -14.31 -11.76 14.77
N ALA A 222 -14.34 -12.56 15.83
CA ALA A 222 -13.57 -12.29 17.03
C ALA A 222 -12.08 -12.16 16.71
N GLU A 223 -11.37 -11.33 17.48
CA GLU A 223 -9.97 -10.91 17.26
C GLU A 223 -9.88 -9.86 16.13
N ARG B 5 -25.28 -20.15 -38.44
CA ARG B 5 -24.91 -18.74 -38.55
C ARG B 5 -25.08 -18.03 -37.22
N PHE B 6 -24.04 -17.31 -36.81
CA PHE B 6 -24.09 -16.58 -35.55
C PHE B 6 -23.83 -15.10 -35.81
N ASP B 7 -24.77 -14.27 -35.37
CA ASP B 7 -24.58 -12.83 -35.47
C ASP B 7 -24.65 -12.23 -34.07
N PRO B 8 -23.51 -11.66 -33.60
CA PRO B 8 -23.39 -11.13 -32.23
C PRO B 8 -24.43 -10.07 -31.94
N GLY B 9 -24.73 -9.22 -32.93
CA GLY B 9 -25.65 -8.12 -32.73
C GLY B 9 -27.07 -8.50 -32.42
N THR B 10 -27.46 -9.73 -32.74
CA THR B 10 -28.85 -10.16 -32.57
C THR B 10 -28.99 -11.46 -31.78
N SER B 11 -27.88 -12.16 -31.57
CA SER B 11 -27.90 -13.42 -30.84
C SER B 11 -28.38 -13.27 -29.39
N ASN B 12 -29.08 -14.29 -28.90
CA ASN B 12 -29.40 -14.39 -27.47
C ASN B 12 -28.77 -15.65 -26.88
N ARG B 13 -27.67 -16.10 -27.48
CA ARG B 13 -26.97 -17.28 -27.01
C ARG B 13 -26.37 -17.09 -25.62
N ASN B 14 -26.45 -18.13 -24.80
CA ASN B 14 -25.86 -18.16 -23.46
C ASN B 14 -24.57 -18.95 -23.51
N PHE B 15 -23.43 -18.26 -23.50
CA PHE B 15 -22.15 -18.95 -23.52
C PHE B 15 -21.75 -19.39 -22.10
N ARG B 16 -21.24 -20.60 -21.98
CA ARG B 16 -20.81 -21.14 -20.71
C ARG B 16 -19.30 -21.31 -20.68
N ILE B 17 -18.67 -20.67 -19.69
CA ILE B 17 -17.21 -20.73 -19.54
C ILE B 17 -16.87 -21.40 -18.23
N ALA B 18 -16.16 -22.52 -18.28
CA ALA B 18 -15.71 -23.19 -17.07
C ALA B 18 -14.43 -22.53 -16.57
N ALA B 19 -14.41 -22.17 -15.28
CA ALA B 19 -13.21 -21.58 -14.70
C ALA B 19 -13.35 -21.59 -13.18
N SER B 20 -12.21 -21.47 -12.50
CA SER B 20 -12.19 -21.31 -11.05
C SER B 20 -12.98 -20.06 -10.72
N ASP B 21 -13.30 -19.84 -9.45
CA ASP B 21 -14.04 -18.66 -9.09
C ASP B 21 -13.21 -17.41 -9.47
N PHE B 22 -11.90 -17.41 -9.23
CA PHE B 22 -11.11 -16.23 -9.61
C PHE B 22 -11.06 -16.07 -11.12
N GLY B 23 -10.94 -17.18 -11.83
CA GLY B 23 -10.95 -17.13 -13.29
C GLY B 23 -12.24 -16.49 -13.81
N GLN B 24 -13.38 -16.83 -13.23
CA GLN B 24 -14.64 -16.19 -13.61
C GLN B 24 -14.63 -14.69 -13.30
N ALA B 25 -14.14 -14.33 -12.12
CA ALA B 25 -14.11 -12.93 -11.70
C ALA B 25 -13.15 -12.10 -12.57
N LEU B 26 -12.12 -12.77 -13.08
CA LEU B 26 -11.18 -12.14 -13.98
C LEU B 26 -11.77 -11.95 -15.38
N MET B 27 -12.43 -12.99 -15.88
CA MET B 27 -12.94 -13.02 -17.26
C MET B 27 -14.20 -12.18 -17.51
N LEU B 28 -15.24 -12.40 -16.71
CA LEU B 28 -16.52 -11.85 -17.07
C LEU B 28 -16.54 -10.33 -17.12
N PRO B 29 -15.93 -9.63 -16.12
CA PRO B 29 -15.98 -8.17 -16.22
C PRO B 29 -15.29 -7.65 -17.49
N ARG B 30 -14.30 -8.39 -17.99
CA ARG B 30 -13.57 -7.95 -19.17
C ARG B 30 -14.34 -8.26 -20.44
N LEU B 31 -15.47 -8.96 -20.32
CA LEU B 31 -16.35 -9.18 -21.46
C LEU B 31 -17.47 -8.14 -21.55
N TYR B 32 -17.68 -7.41 -20.46
CA TYR B 32 -18.88 -6.57 -20.36
C TYR B 32 -19.03 -5.55 -21.49
N ALA B 33 -18.00 -4.75 -21.72
CA ALA B 33 -18.08 -3.69 -22.74
C ALA B 33 -18.40 -4.26 -24.11
N THR B 34 -17.71 -5.33 -24.48
CA THR B 34 -17.97 -6.01 -25.74
C THR B 34 -19.42 -6.45 -25.88
N LEU B 35 -19.95 -7.01 -24.80
CA LEU B 35 -21.33 -7.46 -24.81
C LEU B 35 -22.26 -6.26 -24.97
N GLU B 36 -22.02 -5.21 -24.19
CA GLU B 36 -22.88 -4.04 -24.21
C GLU B 36 -22.91 -3.41 -25.61
N GLU B 37 -21.73 -3.24 -26.19
CA GLU B 37 -21.59 -2.50 -27.44
C GLU B 37 -21.84 -3.32 -28.71
N THR B 38 -21.66 -4.64 -28.64
CA THR B 38 -21.76 -5.42 -29.87
C THR B 38 -22.63 -6.68 -29.80
N ALA B 39 -23.01 -7.11 -28.60
CA ALA B 39 -23.77 -8.34 -28.45
C ALA B 39 -24.72 -8.27 -27.27
N PRO B 40 -25.70 -7.33 -27.32
CA PRO B 40 -26.45 -6.92 -26.13
C PRO B 40 -27.41 -7.95 -25.57
N GLN B 41 -27.66 -9.02 -26.31
CA GLN B 41 -28.50 -10.09 -25.80
C GLN B 41 -27.72 -11.36 -25.54
N VAL B 42 -26.41 -11.31 -25.72
CA VAL B 42 -25.58 -12.48 -25.43
C VAL B 42 -25.33 -12.54 -23.90
N ARG B 43 -25.55 -13.70 -23.34
CA ARG B 43 -25.36 -13.92 -21.90
C ARG B 43 -24.10 -14.78 -21.72
N VAL B 44 -23.34 -14.52 -20.65
CA VAL B 44 -22.17 -15.32 -20.34
C VAL B 44 -22.33 -15.87 -18.93
N THR B 45 -22.19 -17.17 -18.80
CA THR B 45 -22.35 -17.86 -17.53
C THR B 45 -21.01 -18.41 -17.10
N GLY B 46 -20.56 -18.06 -15.90
CA GLY B 46 -19.39 -18.70 -15.34
C GLY B 46 -19.80 -20.00 -14.67
N VAL B 47 -19.11 -21.09 -14.98
CA VAL B 47 -19.43 -22.40 -14.41
C VAL B 47 -18.28 -22.92 -13.59
N ASN B 48 -18.55 -23.31 -12.33
CA ASN B 48 -17.50 -23.83 -11.44
C ASN B 48 -16.91 -25.12 -11.97
N LEU B 49 -15.65 -25.37 -11.62
CA LEU B 49 -14.97 -26.59 -12.02
C LEU B 49 -15.57 -27.75 -11.23
N ARG B 50 -15.67 -28.90 -11.88
CA ARG B 50 -16.21 -30.12 -11.26
C ARG B 50 -15.18 -31.25 -11.31
N HIS B 51 -15.46 -32.36 -10.64
CA HIS B 51 -14.49 -33.46 -10.65
C HIS B 51 -14.49 -34.29 -11.93
N GLY B 52 -15.63 -34.37 -12.61
CA GLY B 52 -15.70 -35.10 -13.87
C GLY B 52 -14.71 -34.60 -14.92
N PRO B 53 -14.48 -35.40 -15.96
CA PRO B 53 -13.54 -35.01 -17.01
C PRO B 53 -14.08 -33.84 -17.83
N LEU B 54 -13.36 -32.72 -17.80
CA LEU B 54 -13.79 -31.50 -18.45
C LEU B 54 -13.91 -31.67 -19.96
N VAL B 55 -13.11 -32.58 -20.51
CA VAL B 55 -13.12 -32.81 -21.96
C VAL B 55 -14.51 -33.21 -22.45
N GLU B 56 -15.26 -33.91 -21.62
CA GLU B 56 -16.58 -34.39 -22.03
C GLU B 56 -17.59 -33.26 -22.02
N GLU B 57 -17.42 -32.30 -21.11
CA GLU B 57 -18.30 -31.14 -21.09
C GLU B 57 -18.06 -30.31 -22.34
N LEU B 58 -16.80 -30.18 -22.73
CA LEU B 58 -16.46 -29.44 -23.94
C LEU B 58 -16.98 -30.17 -25.18
N GLU B 59 -16.84 -31.50 -25.19
CA GLU B 59 -17.28 -32.30 -26.34
C GLU B 59 -18.80 -32.20 -26.54
N SER B 60 -19.57 -32.31 -25.47
CA SER B 60 -21.02 -32.28 -25.55
C SER B 60 -21.58 -30.90 -25.84
N GLY B 61 -20.77 -29.86 -25.60
CA GLY B 61 -21.24 -28.50 -25.77
C GLY B 61 -21.87 -27.90 -24.52
N SER B 62 -21.79 -28.57 -23.38
CA SER B 62 -22.36 -28.00 -22.16
C SER B 62 -21.45 -26.92 -21.56
N ILE B 63 -20.18 -26.94 -21.96
CA ILE B 63 -19.22 -25.85 -21.70
C ILE B 63 -18.69 -25.39 -23.07
N ASP B 64 -18.73 -24.10 -23.36
CA ASP B 64 -18.18 -23.61 -24.63
C ASP B 64 -16.67 -23.41 -24.61
N ILE B 65 -16.16 -22.85 -23.50
CA ILE B 65 -14.74 -22.58 -23.34
C ILE B 65 -14.33 -22.86 -21.90
N ALA B 66 -13.18 -23.50 -21.70
CA ALA B 66 -12.58 -23.61 -20.39
C ALA B 66 -11.46 -22.58 -20.30
N PHE B 67 -11.38 -21.88 -19.17
CA PHE B 67 -10.40 -20.80 -18.96
C PHE B 67 -9.63 -21.12 -17.68
N GLY B 68 -8.33 -21.34 -17.81
CA GLY B 68 -7.56 -21.74 -16.66
C GLY B 68 -6.29 -22.47 -17.10
N GLY B 69 -5.74 -23.27 -16.22
CA GLY B 69 -4.64 -24.16 -16.57
C GLY B 69 -5.09 -25.58 -16.29
N PHE B 70 -5.26 -26.36 -17.35
CA PHE B 70 -5.81 -27.70 -17.23
C PHE B 70 -4.88 -28.72 -17.90
N PRO B 71 -3.89 -29.20 -17.15
CA PRO B 71 -2.81 -30.05 -17.70
C PRO B 71 -3.30 -31.34 -18.35
N THR B 72 -4.50 -31.80 -18.01
CA THR B 72 -4.99 -33.06 -18.56
C THR B 72 -5.93 -32.89 -19.74
N LEU B 73 -6.13 -31.66 -20.21
CA LEU B 73 -6.91 -31.47 -21.44
C LEU B 73 -5.92 -31.49 -22.59
N SER B 74 -6.11 -32.44 -23.51
CA SER B 74 -5.20 -32.55 -24.64
C SER B 74 -5.93 -33.12 -25.84
N ALA B 75 -6.15 -34.42 -25.80
CA ALA B 75 -6.80 -35.13 -26.90
C ALA B 75 -8.14 -34.51 -27.23
N GLY B 76 -8.28 -34.07 -28.47
CA GLY B 76 -9.55 -33.54 -28.96
C GLY B 76 -9.74 -32.08 -28.61
N ILE B 77 -8.69 -31.46 -28.08
CA ILE B 77 -8.78 -30.10 -27.53
C ILE B 77 -7.85 -29.14 -28.26
N LYS B 78 -8.37 -27.97 -28.65
CA LYS B 78 -7.52 -26.89 -29.13
C LYS B 78 -7.34 -25.83 -28.04
N THR B 79 -6.20 -25.13 -28.08
CA THR B 79 -5.83 -24.18 -27.03
C THR B 79 -5.24 -22.89 -27.57
N GLN B 80 -5.30 -21.85 -26.74
CA GLN B 80 -4.62 -20.61 -26.99
C GLN B 80 -4.08 -20.14 -25.65
N THR B 81 -2.76 -20.00 -25.54
CA THR B 81 -2.13 -19.66 -24.27
C THR B 81 -2.22 -18.14 -24.08
N LEU B 82 -2.94 -17.72 -23.05
CA LEU B 82 -3.29 -16.30 -22.91
C LEU B 82 -2.26 -15.53 -22.12
N PHE B 83 -1.82 -16.07 -21.00
CA PHE B 83 -0.81 -15.39 -20.20
C PHE B 83 -0.16 -16.34 -19.24
N ARG B 84 0.93 -15.88 -18.66
CA ARG B 84 1.70 -16.65 -17.70
C ARG B 84 1.51 -15.97 -16.35
N GLU B 85 1.52 -16.71 -15.26
CA GLU B 85 1.21 -16.13 -13.96
C GLU B 85 2.19 -16.68 -12.93
N GLU B 86 2.48 -15.89 -11.91
CA GLU B 86 3.36 -16.28 -10.82
C GLU B 86 2.67 -16.14 -9.47
N TYR B 87 3.15 -16.88 -8.48
CA TYR B 87 2.55 -16.89 -7.16
C TYR B 87 3.26 -15.93 -6.21
N VAL B 88 2.49 -15.37 -5.30
CA VAL B 88 2.99 -14.54 -4.21
C VAL B 88 2.25 -14.95 -2.95
N CYS B 89 2.65 -14.37 -1.82
CA CYS B 89 1.96 -14.59 -0.57
C CYS B 89 1.23 -13.31 -0.15
N VAL B 90 0.14 -13.47 0.59
CA VAL B 90 -0.55 -12.34 1.17
C VAL B 90 -0.84 -12.56 2.65
N MET B 91 -0.89 -11.46 3.41
CA MET B 91 -1.46 -11.49 4.75
C MET B 91 -2.17 -10.16 4.98
N ARG B 92 -3.05 -10.08 5.98
CA ARG B 92 -3.78 -8.84 6.20
C ARG B 92 -2.87 -7.75 6.73
N GLN B 93 -3.34 -6.52 6.57
CA GLN B 93 -2.57 -5.32 6.89
C GLN B 93 -2.18 -5.23 8.36
N SER B 94 -2.92 -5.93 9.23
CA SER B 94 -2.65 -5.84 10.66
C SER B 94 -2.05 -7.13 11.19
N HIS B 95 -1.59 -7.99 10.30
CA HIS B 95 -0.97 -9.25 10.72
C HIS B 95 0.26 -8.98 11.61
N PRO B 96 0.36 -9.66 12.77
CA PRO B 96 1.44 -9.38 13.72
C PRO B 96 2.82 -9.80 13.22
N ALA B 97 2.88 -10.66 12.21
CA ALA B 97 4.18 -10.99 11.65
C ALA B 97 4.80 -9.82 10.88
N LEU B 98 4.04 -8.76 10.64
CA LEU B 98 4.59 -7.67 9.81
C LEU B 98 5.61 -6.83 10.60
N THR B 99 5.54 -6.90 11.93
CA THR B 99 6.43 -6.09 12.74
C THR B 99 7.89 -6.50 12.55
N HIS B 100 8.17 -7.80 12.56
CA HIS B 100 9.56 -8.27 12.43
C HIS B 100 9.81 -9.13 11.22
N GLY B 101 8.76 -9.45 10.49
CA GLY B 101 8.95 -10.17 9.25
C GLY B 101 9.10 -11.65 9.51
N LEU B 102 9.29 -12.42 8.44
CA LEU B 102 9.35 -13.88 8.56
C LEU B 102 10.55 -14.46 7.84
N ASP B 103 11.37 -15.24 8.53
CA ASP B 103 12.29 -16.14 7.84
C ASP B 103 11.52 -17.40 7.47
N LEU B 104 12.14 -18.30 6.73
CA LEU B 104 11.42 -19.46 6.20
C LEU B 104 10.79 -20.30 7.29
N GLU B 105 11.49 -20.46 8.41
CA GLU B 105 10.91 -21.26 9.49
C GLU B 105 9.76 -20.55 10.23
N ALA B 106 9.85 -19.25 10.42
CA ALA B 106 8.73 -18.55 11.05
C ALA B 106 7.48 -18.62 10.15
N PHE B 107 7.70 -18.54 8.84
CA PHE B 107 6.66 -18.72 7.83
C PHE B 107 5.97 -20.06 8.02
N ARG B 108 6.76 -21.12 8.15
CA ARG B 108 6.21 -22.47 8.29
C ARG B 108 5.42 -22.60 9.60
N GLN B 109 5.77 -21.82 10.61
CA GLN B 109 5.08 -21.92 11.89
C GLN B 109 3.86 -21.00 12.00
N CYS B 110 3.68 -20.09 11.04
CA CYS B 110 2.45 -19.30 10.98
C CYS B 110 1.29 -20.19 10.60
N ARG B 111 0.06 -19.69 10.73
CA ARG B 111 -1.12 -20.43 10.26
C ARG B 111 -1.39 -20.10 8.79
N HIS B 112 -1.82 -21.11 8.04
CA HIS B 112 -2.04 -20.99 6.62
C HIS B 112 -3.46 -21.36 6.25
N ILE B 113 -3.93 -20.80 5.13
CA ILE B 113 -5.11 -21.28 4.45
C ILE B 113 -4.66 -21.73 3.07
N ILE B 114 -5.11 -22.92 2.67
CA ILE B 114 -4.75 -23.51 1.38
C ILE B 114 -5.95 -23.58 0.45
N VAL B 115 -5.79 -23.19 -0.81
CA VAL B 115 -6.82 -23.45 -1.80
C VAL B 115 -6.51 -24.78 -2.41
N THR B 116 -7.49 -25.69 -2.40
CA THR B 116 -7.25 -27.00 -2.94
C THR B 116 -7.83 -27.07 -4.35
N ALA B 117 -7.06 -27.62 -5.29
CA ALA B 117 -7.53 -27.68 -6.67
C ALA B 117 -7.30 -29.05 -7.31
N HIS B 118 -6.64 -29.97 -6.61
CA HIS B 118 -6.32 -31.28 -7.21
C HIS B 118 -7.60 -32.00 -7.67
N GLU B 119 -8.72 -31.83 -6.95
CA GLU B 119 -9.96 -32.51 -7.35
C GLU B 119 -10.48 -32.02 -8.70
N PHE B 120 -10.05 -30.83 -9.13
CA PHE B 120 -10.54 -30.28 -10.40
C PHE B 120 -9.52 -30.38 -11.51
N ASN B 121 -8.38 -30.99 -11.22
CA ASN B 121 -7.28 -31.09 -12.17
C ASN B 121 -6.93 -29.73 -12.75
N HIS B 122 -6.85 -28.74 -11.86
CA HIS B 122 -6.45 -27.39 -12.21
C HIS B 122 -4.97 -27.26 -11.83
N VAL B 123 -4.20 -26.51 -12.62
CA VAL B 123 -2.76 -26.41 -12.43
C VAL B 123 -2.34 -25.89 -11.04
N HIS B 124 -3.25 -25.20 -10.34
CA HIS B 124 -2.93 -24.77 -8.96
C HIS B 124 -2.58 -25.96 -8.07
N GLU B 125 -3.00 -27.17 -8.45
CA GLU B 125 -2.69 -28.38 -7.69
C GLU B 125 -1.19 -28.56 -7.48
N GLN B 126 -0.38 -28.01 -8.39
CA GLN B 126 1.07 -28.13 -8.28
C GLN B 126 1.57 -27.32 -7.09
N VAL B 127 0.93 -26.17 -6.84
CA VAL B 127 1.33 -25.31 -5.73
C VAL B 127 0.78 -25.87 -4.45
N GLU B 128 -0.46 -26.34 -4.51
CA GLU B 128 -1.08 -27.02 -3.39
C GLU B 128 -0.15 -28.15 -2.91
N ALA B 129 0.30 -28.99 -3.83
CA ALA B 129 1.19 -30.09 -3.46
C ALA B 129 2.48 -29.59 -2.80
N ARG B 130 3.10 -28.57 -3.36
CA ARG B 130 4.32 -28.04 -2.77
C ARG B 130 4.07 -27.48 -1.37
N LEU B 131 2.95 -26.81 -1.16
CA LEU B 131 2.66 -26.26 0.16
C LEU B 131 2.39 -27.36 1.18
N LEU B 132 1.68 -28.40 0.77
CA LEU B 132 1.41 -29.54 1.65
C LEU B 132 2.72 -30.25 2.05
N GLU B 133 3.68 -30.28 1.13
CA GLU B 133 4.97 -30.86 1.41
C GLU B 133 5.76 -29.96 2.35
N LEU B 134 5.74 -28.66 2.09
CA LEU B 134 6.48 -27.70 2.89
C LEU B 134 6.00 -27.57 4.33
N LEU B 135 4.69 -27.44 4.51
CA LEU B 135 4.13 -26.99 5.78
C LEU B 135 3.88 -28.10 6.79
N PRO B 136 4.21 -27.84 8.05
CA PRO B 136 3.73 -28.69 9.15
C PRO B 136 2.22 -28.83 9.06
N PRO B 137 1.70 -30.05 9.23
CA PRO B 137 0.25 -30.26 9.08
C PRO B 137 -0.59 -29.36 10.00
N GLU B 138 -0.07 -29.05 11.18
CA GLU B 138 -0.84 -28.28 12.15
C GLU B 138 -0.85 -26.78 11.82
N SER B 139 0.06 -26.37 10.93
CA SER B 139 0.12 -25.00 10.43
C SER B 139 -1.02 -24.67 9.44
N ILE B 140 -1.65 -25.71 8.90
CA ILE B 140 -2.74 -25.51 7.94
C ILE B 140 -4.09 -25.51 8.66
N ARG B 141 -4.64 -24.33 8.87
CA ARG B 141 -5.87 -24.19 9.65
C ARG B 141 -7.13 -24.30 8.82
N PHE B 142 -7.08 -23.76 7.60
CA PHE B 142 -8.23 -23.73 6.70
C PHE B 142 -7.87 -24.24 5.31
N THR B 143 -8.86 -24.86 4.69
CA THR B 143 -8.80 -25.25 3.29
C THR B 143 -10.10 -24.81 2.61
N THR B 144 -10.03 -24.39 1.35
CA THR B 144 -11.23 -24.09 0.58
C THR B 144 -10.97 -24.39 -0.87
N GLU B 145 -12.03 -24.55 -1.65
CA GLU B 145 -11.90 -24.79 -3.07
C GLU B 145 -11.89 -23.48 -3.83
N ASN B 146 -12.33 -22.41 -3.18
CA ASN B 146 -12.49 -21.14 -3.86
C ASN B 146 -11.42 -20.11 -3.51
N PHE B 147 -10.81 -19.53 -4.54
CA PHE B 147 -9.80 -18.51 -4.33
C PHE B 147 -10.31 -17.26 -3.63
N LEU B 148 -11.49 -16.78 -4.05
CA LEU B 148 -12.00 -15.56 -3.46
C LEU B 148 -12.36 -15.76 -1.99
N VAL B 149 -12.85 -16.95 -1.65
CA VAL B 149 -13.14 -17.26 -0.25
C VAL B 149 -11.85 -17.20 0.57
N SER B 150 -10.78 -17.82 0.07
CA SER B 150 -9.55 -17.84 0.85
C SER B 150 -9.01 -16.41 1.00
N ALA B 151 -9.14 -15.59 -0.03
CA ALA B 151 -8.61 -14.23 0.06
C ALA B 151 -9.35 -13.43 1.14
N VAL B 152 -10.68 -13.51 1.16
CA VAL B 152 -11.41 -12.73 2.15
C VAL B 152 -11.23 -13.32 3.57
N ILE B 153 -10.98 -14.63 3.69
CA ILE B 153 -10.63 -15.16 5.02
C ILE B 153 -9.27 -14.62 5.48
N ALA B 154 -8.29 -14.52 4.57
CA ALA B 154 -7.00 -13.91 4.90
C ALA B 154 -7.13 -12.44 5.33
N GLU B 155 -8.10 -11.72 4.77
CA GLU B 155 -8.32 -10.34 5.21
C GLU B 155 -8.82 -10.24 6.65
N GLU B 156 -9.48 -11.28 7.14
CA GLU B 156 -10.18 -11.19 8.41
C GLU B 156 -9.57 -12.00 9.54
N THR B 157 -8.50 -12.74 9.26
CA THR B 157 -7.86 -13.61 10.24
C THR B 157 -6.37 -13.59 9.99
N ASP B 158 -5.58 -14.12 10.92
CA ASP B 158 -4.13 -14.08 10.76
C ASP B 158 -3.59 -15.26 9.97
N VAL B 159 -4.18 -15.61 8.84
CA VAL B 159 -3.66 -16.75 8.09
C VAL B 159 -2.85 -16.24 6.92
N ILE B 160 -1.85 -17.01 6.54
CA ILE B 160 -1.08 -16.72 5.31
C ILE B 160 -1.67 -17.47 4.12
N LEU B 161 -1.73 -16.79 2.99
CA LEU B 161 -2.34 -17.38 1.80
C LEU B 161 -1.40 -17.23 0.63
N THR B 162 -1.23 -18.31 -0.13
CA THR B 162 -0.38 -18.31 -1.31
C THR B 162 -1.19 -18.45 -2.60
N ILE B 163 -1.07 -17.47 -3.50
CA ILE B 163 -2.03 -17.31 -4.58
C ILE B 163 -1.43 -16.65 -5.80
N PRO B 164 -2.10 -16.79 -6.96
CA PRO B 164 -1.66 -16.09 -8.17
C PRO B 164 -1.58 -14.58 -7.93
N SER B 165 -0.55 -13.93 -8.46
CA SER B 165 -0.33 -12.52 -8.17
C SER B 165 -1.43 -11.56 -8.68
N ARG B 166 -2.12 -11.94 -9.76
N ARG B 166 -2.11 -11.91 -9.78
CA ARG B 166 -3.22 -11.13 -10.26
CA ARG B 166 -3.23 -11.09 -10.25
C ARG B 166 -4.37 -11.05 -9.26
C ARG B 166 -4.35 -11.02 -9.21
N LEU B 167 -4.60 -12.14 -8.54
CA LEU B 167 -5.63 -12.18 -7.50
C LEU B 167 -5.17 -11.35 -6.31
N ALA B 168 -3.94 -11.58 -5.89
CA ALA B 168 -3.35 -10.82 -4.79
C ALA B 168 -3.42 -9.32 -5.03
N ARG B 169 -3.00 -8.90 -6.21
CA ARG B 169 -2.97 -7.47 -6.54
C ARG B 169 -4.36 -6.85 -6.52
N TRP B 170 -5.36 -7.60 -6.98
CA TRP B 170 -6.75 -7.09 -6.94
C TRP B 170 -7.14 -6.73 -5.50
N PHE B 171 -6.82 -7.60 -4.54
CA PHE B 171 -7.11 -7.29 -3.15
C PHE B 171 -6.15 -6.23 -2.59
N ALA B 172 -4.88 -6.29 -2.93
CA ALA B 172 -3.93 -5.29 -2.42
C ALA B 172 -4.29 -3.88 -2.92
N ASN B 173 -4.75 -3.77 -4.17
CA ASN B 173 -5.19 -2.48 -4.68
C ASN B 173 -6.38 -1.87 -3.94
N ARG B 174 -7.09 -2.69 -3.16
CA ARG B 174 -8.24 -2.22 -2.42
C ARG B 174 -7.93 -1.99 -0.96
N GLY B 175 -6.70 -2.30 -0.54
CA GLY B 175 -6.24 -1.94 0.80
C GLY B 175 -6.23 -3.03 1.84
N GLY B 176 -6.83 -4.17 1.54
CA GLY B 176 -7.09 -5.19 2.54
C GLY B 176 -5.94 -6.14 2.83
N LEU B 177 -5.07 -6.37 1.85
CA LEU B 177 -4.01 -7.35 2.00
C LEU B 177 -2.68 -6.73 1.62
N THR B 178 -1.58 -7.25 2.15
CA THR B 178 -0.24 -6.89 1.66
C THR B 178 0.47 -8.11 1.06
N ILE B 179 1.26 -7.88 0.02
CA ILE B 179 1.90 -8.93 -0.74
C ILE B 179 3.38 -9.08 -0.35
N PHE B 180 3.85 -10.32 -0.24
CA PHE B 180 5.28 -10.57 -0.04
C PHE B 180 5.67 -11.82 -0.83
N PRO B 181 6.98 -11.99 -1.13
CA PRO B 181 7.42 -13.14 -1.94
C PRO B 181 7.23 -14.49 -1.25
N VAL B 182 6.82 -15.50 -2.01
CA VAL B 182 6.84 -16.86 -1.49
C VAL B 182 8.28 -17.17 -1.13
N PRO B 183 8.52 -17.71 0.07
CA PRO B 183 9.90 -17.98 0.52
C PRO B 183 10.44 -19.33 0.05
N ILE B 184 9.71 -20.02 -0.84
CA ILE B 184 10.26 -21.16 -1.57
C ILE B 184 9.95 -20.95 -3.03
N GLU B 185 10.63 -21.70 -3.90
CA GLU B 185 10.42 -21.56 -5.33
C GLU B 185 9.15 -22.29 -5.75
N LEU B 186 8.33 -21.64 -6.57
CA LEU B 186 7.14 -22.28 -7.11
C LEU B 186 7.15 -22.14 -8.61
N PRO B 187 6.57 -23.12 -9.32
CA PRO B 187 6.43 -23.00 -10.76
C PRO B 187 5.59 -21.78 -11.14
N SER B 188 5.82 -21.22 -12.32
CA SER B 188 4.87 -20.28 -12.90
C SER B 188 3.82 -21.14 -13.59
N ILE B 189 2.68 -20.56 -13.95
CA ILE B 189 1.63 -21.33 -14.59
C ILE B 189 1.15 -20.65 -15.87
N GLU B 190 0.69 -21.45 -16.84
CA GLU B 190 0.16 -20.88 -18.05
C GLU B 190 -1.35 -20.90 -18.00
N VAL B 191 -1.95 -19.76 -18.26
CA VAL B 191 -3.41 -19.69 -18.35
C VAL B 191 -3.84 -19.60 -19.81
N LYS B 192 -4.77 -20.47 -20.19
CA LYS B 192 -5.17 -20.64 -21.58
C LYS B 192 -6.68 -20.67 -21.70
N GLN B 193 -7.19 -20.53 -22.93
CA GLN B 193 -8.57 -20.91 -23.17
C GLN B 193 -8.53 -22.17 -23.99
N TYR B 194 -9.51 -23.02 -23.74
CA TYR B 194 -9.60 -24.35 -24.34
C TYR B 194 -10.94 -24.52 -25.01
N TRP B 195 -10.92 -25.08 -26.20
CA TRP B 195 -12.16 -25.50 -26.83
C TRP B 195 -12.00 -26.86 -27.51
N HIS B 196 -13.13 -27.52 -27.73
CA HIS B 196 -13.12 -28.84 -28.35
C HIS B 196 -13.08 -28.71 -29.86
N GLU B 197 -12.32 -29.57 -30.53
CA GLU B 197 -12.20 -29.46 -31.98
C GLU B 197 -13.56 -29.62 -32.68
N ARG B 198 -14.52 -30.25 -32.01
CA ARG B 198 -15.88 -30.35 -32.54
C ARG B 198 -16.53 -28.98 -32.77
N TYR B 199 -16.05 -27.95 -32.06
CA TYR B 199 -16.63 -26.61 -32.19
C TYR B 199 -15.62 -25.60 -32.75
N ASP B 200 -14.52 -26.13 -33.28
CA ASP B 200 -13.47 -25.30 -33.84
C ASP B 200 -14.01 -24.42 -34.96
N LYS B 201 -15.00 -24.90 -35.68
CA LYS B 201 -15.57 -24.15 -36.79
C LYS B 201 -16.90 -23.51 -36.44
N ASP B 202 -17.37 -23.65 -35.21
CA ASP B 202 -18.65 -23.05 -34.85
C ASP B 202 -18.51 -21.53 -34.76
N PRO B 203 -19.34 -20.80 -35.51
CA PRO B 203 -19.27 -19.34 -35.55
C PRO B 203 -19.42 -18.66 -34.19
N GLY B 204 -20.30 -19.17 -33.32
CA GLY B 204 -20.47 -18.56 -32.01
C GLY B 204 -19.22 -18.75 -31.17
N ASN B 205 -18.71 -19.97 -31.13
CA ASN B 205 -17.51 -20.28 -30.39
C ASN B 205 -16.31 -19.49 -30.90
N ILE B 206 -16.16 -19.45 -32.23
CA ILE B 206 -15.11 -18.66 -32.83
C ILE B 206 -15.21 -17.20 -32.36
N TRP B 207 -16.40 -16.61 -32.41
CA TRP B 207 -16.58 -15.21 -31.99
C TRP B 207 -16.10 -14.99 -30.55
N LEU B 208 -16.52 -15.87 -29.64
CA LEU B 208 -16.18 -15.71 -28.22
C LEU B 208 -14.69 -15.87 -27.99
N ARG B 209 -14.11 -16.90 -28.59
CA ARG B 209 -12.66 -17.12 -28.62
C ARG B 209 -11.86 -15.88 -29.01
N ARG B 210 -12.31 -15.24 -30.09
CA ARG B 210 -11.61 -14.07 -30.63
C ARG B 210 -11.80 -12.86 -29.75
N VAL B 211 -12.97 -12.76 -29.15
CA VAL B 211 -13.22 -11.69 -28.18
C VAL B 211 -12.27 -11.88 -27.00
N ILE B 212 -12.19 -13.09 -26.47
CA ILE B 212 -11.29 -13.37 -25.33
C ILE B 212 -9.83 -13.07 -25.67
N ALA B 213 -9.40 -13.44 -26.86
CA ALA B 213 -8.03 -13.14 -27.28
C ALA B 213 -7.72 -11.64 -27.30
N LYS B 214 -8.74 -10.80 -27.47
CA LYS B 214 -8.51 -9.36 -27.45
C LYS B 214 -8.44 -8.77 -26.05
N ILE B 215 -8.75 -9.56 -25.02
CA ILE B 215 -8.80 -9.04 -23.67
C ILE B 215 -7.40 -8.78 -23.08
N GLY B 216 -7.21 -7.62 -22.45
CA GLY B 216 -6.02 -7.38 -21.65
C GLY B 216 -6.28 -7.83 -20.22
N PHE B 217 -5.68 -8.96 -19.82
CA PHE B 217 -5.92 -9.53 -18.48
C PHE B 217 -5.00 -8.91 -17.42
N GLN B 218 -4.16 -7.96 -17.81
CA GLN B 218 -3.29 -7.31 -16.82
C GLN B 218 -3.81 -5.90 -16.55
N ASN B 219 -4.84 -5.51 -17.29
CA ASN B 219 -5.43 -4.17 -17.21
C ASN B 219 -6.86 -4.23 -16.64
N PRO B 220 -7.37 -3.09 -16.13
CA PRO B 220 -8.77 -3.02 -15.68
C PRO B 220 -9.76 -3.32 -16.80
N PRO B 221 -10.97 -3.80 -16.45
CA PRO B 221 -12.00 -4.02 -17.47
C PRO B 221 -12.29 -2.73 -18.22
N ALA B 222 -12.58 -2.85 -19.51
CA ALA B 222 -12.82 -1.67 -20.34
C ALA B 222 -14.13 -0.98 -19.98
N GLU B 223 -14.19 0.33 -20.23
CA GLU B 223 -15.43 1.11 -20.19
C GLU B 223 -16.16 1.03 -18.86
N PHE C 6 -3.20 19.56 -22.14
CA PHE C 6 -3.04 19.46 -20.70
C PHE C 6 -4.23 20.06 -19.94
N ASP C 7 -4.92 19.24 -19.17
CA ASP C 7 -6.04 19.71 -18.38
C ASP C 7 -5.79 19.40 -16.90
N PRO C 8 -5.59 20.44 -16.09
CA PRO C 8 -5.29 20.27 -14.67
C PRO C 8 -6.36 19.49 -13.93
N GLY C 9 -7.63 19.76 -14.26
CA GLY C 9 -8.75 19.16 -13.56
C GLY C 9 -8.77 17.66 -13.66
N THR C 10 -8.08 17.11 -14.66
CA THR C 10 -8.07 15.66 -14.90
C THR C 10 -6.66 15.05 -14.96
N SER C 11 -5.63 15.88 -15.11
CA SER C 11 -4.25 15.37 -15.19
C SER C 11 -3.84 14.57 -13.95
N ASN C 12 -3.06 13.52 -14.17
CA ASN C 12 -2.41 12.84 -13.05
C ASN C 12 -0.89 12.98 -13.13
N ARG C 13 -0.44 14.05 -13.77
CA ARG C 13 0.99 14.23 -13.96
C ARG C 13 1.68 14.46 -12.61
N ASN C 14 2.88 13.90 -12.48
CA ASN C 14 3.75 14.10 -11.34
C ASN C 14 4.85 15.09 -11.72
N PHE C 15 4.72 16.34 -11.28
CA PHE C 15 5.75 17.34 -11.55
C PHE C 15 6.89 17.23 -10.54
N ARG C 16 8.13 17.37 -11.01
CA ARG C 16 9.30 17.28 -10.13
C ARG C 16 9.99 18.62 -10.05
N ILE C 17 10.10 19.17 -8.83
CA ILE C 17 10.72 20.47 -8.63
C ILE C 17 12.03 20.30 -7.86
N ALA C 18 13.14 20.67 -8.49
CA ALA C 18 14.44 20.65 -7.82
C ALA C 18 14.62 21.93 -6.97
N ALA C 19 14.96 21.74 -5.70
CA ALA C 19 15.15 22.87 -4.79
C ALA C 19 15.88 22.38 -3.56
N SER C 20 16.46 23.31 -2.81
CA SER C 20 17.04 22.98 -1.51
C SER C 20 15.92 22.47 -0.64
N ASP C 21 16.27 21.86 0.49
CA ASP C 21 15.24 21.34 1.36
C ASP C 21 14.33 22.46 1.86
N PHE C 22 14.91 23.65 2.09
CA PHE C 22 14.09 24.78 2.51
C PHE C 22 13.20 25.25 1.35
N GLY C 23 13.74 25.26 0.13
CA GLY C 23 12.98 25.65 -1.06
C GLY C 23 11.75 24.76 -1.25
N GLN C 24 11.94 23.46 -1.02
CA GLN C 24 10.84 22.50 -1.09
C GLN C 24 9.77 22.79 -0.06
N ALA C 25 10.20 23.04 1.17
CA ALA C 25 9.30 23.31 2.27
C ALA C 25 8.58 24.63 2.06
N LEU C 26 9.22 25.52 1.33
CA LEU C 26 8.63 26.82 1.07
C LEU C 26 7.60 26.69 -0.07
N MET C 27 7.99 25.96 -1.11
CA MET C 27 7.15 25.84 -2.34
C MET C 27 5.91 24.95 -2.20
N LEU C 28 6.11 23.72 -1.77
CA LEU C 28 5.03 22.73 -1.90
C LEU C 28 3.74 23.15 -1.16
N PRO C 29 3.84 23.65 0.09
CA PRO C 29 2.58 24.09 0.72
C PRO C 29 1.87 25.25 0.01
N ARG C 30 2.61 26.07 -0.72
CA ARG C 30 1.99 27.17 -1.47
C ARG C 30 1.29 26.66 -2.73
N LEU C 31 1.52 25.40 -3.09
CA LEU C 31 0.86 24.82 -4.27
C LEU C 31 -0.37 24.03 -3.87
N TYR C 32 -0.52 23.77 -2.58
CA TYR C 32 -1.53 22.82 -2.10
C TYR C 32 -2.96 23.18 -2.49
N ALA C 33 -3.34 24.43 -2.26
CA ALA C 33 -4.71 24.86 -2.54
C ALA C 33 -5.06 24.71 -4.02
N THR C 34 -4.12 25.06 -4.90
CA THR C 34 -4.31 24.95 -6.33
C THR C 34 -4.54 23.51 -6.74
N LEU C 35 -3.75 22.61 -6.17
CA LEU C 35 -3.93 21.18 -6.44
C LEU C 35 -5.29 20.72 -5.93
N GLU C 36 -5.63 21.07 -4.70
CA GLU C 36 -6.92 20.68 -4.13
C GLU C 36 -8.10 21.14 -4.98
N GLU C 37 -8.00 22.37 -5.48
CA GLU C 37 -9.13 23.04 -6.08
C GLU C 37 -9.24 22.86 -7.58
N THR C 38 -8.10 22.71 -8.26
CA THR C 38 -8.10 22.77 -9.72
C THR C 38 -7.33 21.62 -10.36
N ALA C 39 -6.63 20.83 -9.55
CA ALA C 39 -5.83 19.75 -10.10
C ALA C 39 -5.62 18.65 -9.08
N PRO C 40 -6.72 17.99 -8.67
CA PRO C 40 -6.68 17.08 -7.52
C PRO C 40 -5.96 15.74 -7.74
N GLN C 41 -5.52 15.44 -8.95
CA GLN C 41 -4.71 14.24 -9.15
C GLN C 41 -3.29 14.55 -9.61
N VAL C 42 -2.99 15.84 -9.70
CA VAL C 42 -1.64 16.26 -10.01
C VAL C 42 -0.76 16.14 -8.75
N ARG C 43 0.41 15.51 -8.90
CA ARG C 43 1.36 15.34 -7.80
C ARG C 43 2.54 16.26 -7.96
N VAL C 44 3.08 16.72 -6.83
CA VAL C 44 4.32 17.48 -6.86
C VAL C 44 5.37 16.78 -6.00
N THR C 45 6.53 16.56 -6.60
CA THR C 45 7.66 15.90 -5.96
C THR C 45 8.77 16.93 -5.76
N GLY C 46 9.22 17.11 -4.53
CA GLY C 46 10.40 17.91 -4.27
C GLY C 46 11.63 17.04 -4.48
N VAL C 47 12.61 17.53 -5.22
CA VAL C 47 13.82 16.77 -5.51
C VAL C 47 15.05 17.52 -4.99
N ASN C 48 15.88 16.85 -4.20
CA ASN C 48 17.08 17.47 -3.66
C ASN C 48 18.06 17.86 -4.77
N LEU C 49 18.85 18.89 -4.52
CA LEU C 49 19.91 19.29 -5.44
C LEU C 49 20.99 18.22 -5.44
N ARG C 50 21.61 18.02 -6.60
CA ARG C 50 22.62 16.98 -6.77
C ARG C 50 23.90 17.62 -7.30
N HIS C 51 25.02 16.91 -7.15
CA HIS C 51 26.34 17.39 -7.57
C HIS C 51 26.46 17.58 -9.08
N GLY C 52 25.70 16.79 -9.84
CA GLY C 52 25.74 16.84 -11.29
C GLY C 52 25.24 18.16 -11.84
N PRO C 53 25.45 18.41 -13.15
CA PRO C 53 24.95 19.65 -13.77
C PRO C 53 23.43 19.65 -13.83
N LEU C 54 22.83 20.70 -13.30
CA LEU C 54 21.38 20.79 -13.21
C LEU C 54 20.74 20.96 -14.59
N VAL C 55 21.48 21.57 -15.51
CA VAL C 55 20.93 21.89 -16.82
C VAL C 55 20.56 20.62 -17.57
N GLU C 56 21.35 19.57 -17.38
CA GLU C 56 21.10 18.31 -18.03
C GLU C 56 19.84 17.63 -17.48
N GLU C 57 19.56 17.89 -16.20
CA GLU C 57 18.33 17.35 -15.58
C GLU C 57 17.10 18.04 -16.15
N LEU C 58 17.16 19.35 -16.31
CA LEU C 58 16.04 20.08 -16.89
C LEU C 58 15.85 19.71 -18.38
N GLU C 59 16.96 19.46 -19.09
CA GLU C 59 16.91 19.08 -20.51
C GLU C 59 16.19 17.74 -20.73
N SER C 60 16.58 16.73 -19.94
CA SER C 60 16.03 15.39 -20.10
C SER C 60 14.59 15.29 -19.64
N GLY C 61 14.11 16.31 -18.94
CA GLY C 61 12.78 16.30 -18.38
C GLY C 61 12.67 15.57 -17.05
N SER C 62 13.78 15.14 -16.47
CA SER C 62 13.74 14.46 -15.18
C SER C 62 13.39 15.45 -14.06
N ILE C 63 13.68 16.72 -14.30
CA ILE C 63 13.25 17.82 -13.46
C ILE C 63 12.46 18.78 -14.32
N ASP C 64 11.26 19.14 -13.91
CA ASP C 64 10.43 20.06 -14.68
C ASP C 64 10.87 21.50 -14.48
N ILE C 65 11.10 21.86 -13.21
CA ILE C 65 11.38 23.25 -12.81
C ILE C 65 12.41 23.22 -11.68
N ALA C 66 13.38 24.12 -11.72
CA ALA C 66 14.29 24.33 -10.59
C ALA C 66 13.88 25.62 -9.87
N PHE C 67 13.88 25.58 -8.55
CA PHE C 67 13.42 26.70 -7.72
C PHE C 67 14.54 27.04 -6.74
N GLY C 68 15.02 28.28 -6.79
CA GLY C 68 16.15 28.70 -5.98
C GLY C 68 16.97 29.77 -6.69
N GLY C 69 18.26 29.81 -6.40
CA GLY C 69 19.16 30.72 -7.09
C GLY C 69 20.30 29.90 -7.66
N PHE C 70 20.40 29.85 -8.98
CA PHE C 70 21.41 29.01 -9.62
C PHE C 70 22.18 29.80 -10.67
N PRO C 71 23.30 30.42 -10.25
CA PRO C 71 24.14 31.28 -11.10
C PRO C 71 24.67 30.63 -12.37
N THR C 72 24.92 29.33 -12.37
CA THR C 72 25.51 28.68 -13.55
C THR C 72 24.46 28.18 -14.54
N LEU C 73 23.20 28.55 -14.33
CA LEU C 73 22.14 28.17 -15.26
C LEU C 73 21.91 29.28 -16.28
N SER C 74 22.27 28.99 -17.53
CA SER C 74 22.24 29.98 -18.61
C SER C 74 21.88 29.36 -19.96
N ALA C 75 22.89 28.78 -20.62
CA ALA C 75 22.72 28.22 -21.96
C ALA C 75 21.60 27.20 -22.02
N GLY C 76 20.52 27.57 -22.69
CA GLY C 76 19.39 26.66 -22.87
C GLY C 76 18.34 26.81 -21.80
N ILE C 77 18.52 27.79 -20.92
CA ILE C 77 17.64 27.95 -19.77
C ILE C 77 16.86 29.24 -19.78
N LYS C 78 15.56 29.16 -19.58
CA LYS C 78 14.74 30.34 -19.38
C LYS C 78 14.47 30.50 -17.89
N THR C 79 14.32 31.74 -17.45
CA THR C 79 14.20 32.02 -16.03
C THR C 79 13.11 33.04 -15.80
N GLN C 80 12.55 33.03 -14.59
CA GLN C 80 11.70 34.11 -14.11
C GLN C 80 12.01 34.37 -12.65
N THR C 81 12.40 35.60 -12.34
CA THR C 81 12.72 35.97 -10.95
C THR C 81 11.44 36.02 -10.15
N LEU C 82 11.49 35.54 -8.90
CA LEU C 82 10.30 35.44 -8.08
C LEU C 82 10.33 36.38 -6.87
N PHE C 83 11.49 36.49 -6.22
CA PHE C 83 11.67 37.43 -5.11
C PHE C 83 13.11 37.52 -4.66
N ARG C 84 13.39 38.54 -3.85
CA ARG C 84 14.69 38.75 -3.22
C ARG C 84 14.69 38.31 -1.77
N GLU C 85 15.84 37.83 -1.32
CA GLU C 85 15.98 37.40 0.06
C GLU C 85 17.30 37.93 0.66
N GLU C 86 17.27 38.24 1.95
CA GLU C 86 18.46 38.67 2.69
C GLU C 86 18.72 37.66 3.81
N TYR C 87 19.96 37.67 4.34
CA TYR C 87 20.35 36.74 5.42
C TYR C 87 20.37 37.37 6.81
N VAL C 88 20.15 36.54 7.83
CA VAL C 88 20.30 36.90 9.24
C VAL C 88 21.02 35.77 9.97
N CYS C 89 21.27 35.96 11.28
CA CYS C 89 21.79 34.91 12.18
C CYS C 89 20.70 34.46 13.12
N VAL C 90 20.74 33.22 13.56
CA VAL C 90 19.88 32.80 14.67
C VAL C 90 20.71 32.10 15.73
N MET C 91 20.24 32.16 16.97
CA MET C 91 20.80 31.39 18.06
C MET C 91 19.65 31.08 18.98
N ARG C 92 19.77 30.04 19.79
CA ARG C 92 18.65 29.67 20.63
C ARG C 92 18.57 30.54 21.89
N GLN C 93 17.40 30.57 22.51
CA GLN C 93 17.10 31.39 23.69
C GLN C 93 18.13 31.28 24.80
N SER C 94 18.67 30.08 24.96
CA SER C 94 19.57 29.78 26.06
C SER C 94 21.04 29.96 25.70
N HIS C 95 21.32 30.60 24.57
CA HIS C 95 22.70 30.82 24.17
C HIS C 95 23.30 31.99 24.96
N PRO C 96 24.50 31.78 25.55
CA PRO C 96 25.24 32.78 26.34
C PRO C 96 25.40 34.13 25.65
N ALA C 97 25.54 34.12 24.32
CA ALA C 97 25.79 35.35 23.58
C ALA C 97 24.54 36.23 23.44
N LEU C 98 23.39 35.68 23.83
CA LEU C 98 22.13 36.41 23.69
C LEU C 98 22.20 37.73 24.44
N THR C 99 22.76 37.66 25.64
CA THR C 99 22.76 38.78 26.59
C THR C 99 23.50 39.99 26.05
N HIS C 100 24.75 39.81 25.66
CA HIS C 100 25.54 40.95 25.17
C HIS C 100 26.04 40.75 23.74
N GLY C 101 25.09 40.71 22.81
CA GLY C 101 25.33 41.01 21.41
C GLY C 101 26.15 40.10 20.51
N LEU C 102 25.94 40.30 19.21
CA LEU C 102 26.65 39.50 18.23
C LEU C 102 27.49 40.41 17.33
N ASP C 103 28.39 41.18 17.96
CA ASP C 103 29.41 41.91 17.21
C ASP C 103 30.34 40.88 16.59
N LEU C 104 31.10 41.28 15.56
CA LEU C 104 31.98 40.35 14.84
C LEU C 104 32.96 39.64 15.73
N GLU C 105 33.55 40.35 16.69
CA GLU C 105 34.53 39.71 17.57
C GLU C 105 33.89 38.57 18.37
N ALA C 106 32.71 38.82 18.94
CA ALA C 106 32.03 37.79 19.70
C ALA C 106 31.55 36.66 18.76
N PHE C 107 31.09 37.06 17.57
CA PHE C 107 30.59 36.13 16.55
C PHE C 107 31.67 35.09 16.26
N ARG C 108 32.91 35.54 16.06
CA ARG C 108 34.04 34.63 15.80
C ARG C 108 34.36 33.70 16.97
N GLN C 109 33.96 34.09 18.18
CA GLN C 109 34.28 33.28 19.35
C GLN C 109 33.16 32.29 19.68
N CYS C 110 32.05 32.38 18.94
CA CYS C 110 30.96 31.40 19.08
C CYS C 110 31.25 30.17 18.24
N ARG C 111 30.48 29.10 18.46
CA ARG C 111 30.54 27.94 17.56
C ARG C 111 29.49 28.08 16.47
N HIS C 112 29.81 27.60 15.27
CA HIS C 112 28.92 27.77 14.12
C HIS C 112 28.51 26.44 13.48
N ILE C 113 27.31 26.44 12.91
CA ILE C 113 26.92 25.40 11.96
C ILE C 113 26.73 26.11 10.60
N ILE C 114 27.41 25.58 9.59
CA ILE C 114 27.41 26.14 8.25
C ILE C 114 26.60 25.26 7.32
N VAL C 115 25.72 25.84 6.52
CA VAL C 115 25.06 25.08 5.46
C VAL C 115 25.95 25.18 4.23
N THR C 116 26.39 24.04 3.71
CA THR C 116 27.26 24.05 2.55
C THR C 116 26.40 23.88 1.28
N ALA C 117 26.72 24.63 0.24
CA ALA C 117 25.90 24.63 -0.97
C ALA C 117 26.74 24.73 -2.24
N HIS C 118 28.04 24.93 -2.10
CA HIS C 118 28.87 25.12 -3.29
C HIS C 118 28.90 23.89 -4.19
N GLU C 119 28.73 22.69 -3.61
CA GLU C 119 28.70 21.50 -4.45
C GLU C 119 27.45 21.42 -5.35
N PHE C 120 26.40 22.16 -5.00
CA PHE C 120 25.18 22.17 -5.81
C PHE C 120 25.04 23.43 -6.61
N ASN C 121 26.09 24.23 -6.65
CA ASN C 121 26.06 25.53 -7.32
C ASN C 121 24.77 26.28 -7.04
N HIS C 122 24.42 26.38 -5.77
CA HIS C 122 23.28 27.14 -5.30
C HIS C 122 23.82 28.46 -4.75
N VAL C 123 23.07 29.54 -4.92
CA VAL C 123 23.56 30.87 -4.58
C VAL C 123 24.00 31.04 -3.11
N HIS C 124 23.51 30.18 -2.21
CA HIS C 124 23.94 30.22 -0.83
C HIS C 124 25.47 30.02 -0.70
N GLU C 125 26.08 29.47 -1.74
CA GLU C 125 27.54 29.29 -1.74
C GLU C 125 28.26 30.62 -1.56
N GLN C 126 27.60 31.71 -1.94
CA GLN C 126 28.19 33.04 -1.82
C GLN C 126 28.28 33.45 -0.36
N VAL C 127 27.27 33.05 0.41
CA VAL C 127 27.24 33.34 1.83
C VAL C 127 28.19 32.40 2.55
N GLU C 128 28.17 31.12 2.16
CA GLU C 128 29.11 30.15 2.71
C GLU C 128 30.58 30.64 2.56
N ALA C 129 30.93 31.17 1.39
CA ALA C 129 32.29 31.64 1.15
C ALA C 129 32.65 32.82 2.07
N ARG C 130 31.71 33.74 2.28
CA ARG C 130 31.93 34.92 3.12
C ARG C 130 32.11 34.59 4.59
N LEU C 131 31.36 33.59 5.08
CA LEU C 131 31.48 33.07 6.43
C LEU C 131 32.83 32.41 6.61
N LEU C 132 33.19 31.54 5.69
CA LEU C 132 34.45 30.80 5.80
C LEU C 132 35.65 31.73 5.70
N GLU C 133 35.46 32.87 5.06
CA GLU C 133 36.55 33.85 4.94
C GLU C 133 36.87 34.48 6.30
N LEU C 134 35.84 34.68 7.13
CA LEU C 134 36.02 35.51 8.31
C LEU C 134 35.95 34.72 9.60
N LEU C 135 35.53 33.46 9.54
CA LEU C 135 35.43 32.64 10.74
C LEU C 135 36.71 31.85 10.91
N PRO C 136 37.24 31.83 12.14
CA PRO C 136 38.40 30.95 12.34
C PRO C 136 37.95 29.50 12.15
N PRO C 137 38.81 28.66 11.57
CA PRO C 137 38.42 27.28 11.28
C PRO C 137 37.94 26.53 12.54
N GLU C 138 38.46 26.86 13.71
CA GLU C 138 38.07 26.16 14.93
C GLU C 138 36.68 26.60 15.42
N SER C 139 36.16 27.68 14.87
CA SER C 139 34.82 28.11 15.29
C SER C 139 33.72 27.33 14.55
N ILE C 140 34.09 26.60 13.48
CA ILE C 140 33.11 25.79 12.73
C ILE C 140 32.99 24.41 13.33
N ARG C 141 31.83 24.13 13.93
CA ARG C 141 31.65 22.87 14.64
C ARG C 141 30.91 21.85 13.75
N PHE C 142 29.88 22.32 13.03
CA PHE C 142 29.01 21.45 12.25
C PHE C 142 28.88 21.96 10.83
N THR C 143 28.73 21.04 9.88
CA THR C 143 28.36 21.36 8.49
C THR C 143 27.21 20.42 8.03
N THR C 144 26.27 20.93 7.24
CA THR C 144 25.22 20.08 6.67
C THR C 144 24.88 20.65 5.29
N GLU C 145 24.28 19.85 4.42
CA GLU C 145 23.77 20.35 3.15
C GLU C 145 22.33 20.84 3.27
N ASN C 146 21.69 20.54 4.39
CA ASN C 146 20.26 20.80 4.56
C ASN C 146 19.98 21.98 5.48
N PHE C 147 19.23 22.96 5.00
CA PHE C 147 18.88 24.12 5.82
C PHE C 147 18.03 23.72 7.03
N LEU C 148 17.07 22.82 6.82
CA LEU C 148 16.18 22.46 7.92
C LEU C 148 16.90 21.66 8.98
N VAL C 149 17.84 20.84 8.58
CA VAL C 149 18.67 20.15 9.54
C VAL C 149 19.44 21.13 10.41
N SER C 150 19.99 22.16 9.79
CA SER C 150 20.82 23.13 10.49
C SER C 150 19.97 23.91 11.48
N ALA C 151 18.73 24.24 11.07
CA ALA C 151 17.82 24.95 11.93
C ALA C 151 17.43 24.12 13.17
N VAL C 152 17.15 22.82 13.03
CA VAL C 152 16.84 22.14 14.28
C VAL C 152 18.09 21.91 15.13
N ILE C 153 19.26 21.75 14.53
CA ILE C 153 20.49 21.64 15.34
C ILE C 153 20.73 22.93 16.14
N ALA C 154 20.47 24.09 15.54
CA ALA C 154 20.60 25.39 16.23
C ALA C 154 19.62 25.51 17.39
N GLU C 155 18.43 24.94 17.23
CA GLU C 155 17.43 24.98 18.29
C GLU C 155 17.85 24.06 19.44
N GLU C 156 18.61 23.01 19.13
CA GLU C 156 19.00 22.01 20.12
C GLU C 156 20.38 22.22 20.78
N THR C 157 21.20 23.10 20.21
CA THR C 157 22.56 23.30 20.69
C THR C 157 22.96 24.74 20.58
N ASP C 158 24.03 25.13 21.28
CA ASP C 158 24.53 26.51 21.24
C ASP C 158 25.43 26.75 20.03
N VAL C 159 24.88 26.64 18.83
CA VAL C 159 25.63 27.02 17.64
C VAL C 159 24.96 28.21 16.97
N ILE C 160 25.72 28.99 16.21
CA ILE C 160 25.16 30.13 15.50
C ILE C 160 24.90 29.72 14.06
N LEU C 161 23.73 30.05 13.53
CA LEU C 161 23.37 29.67 12.17
C LEU C 161 23.04 30.89 11.32
N THR C 162 23.65 31.00 10.15
CA THR C 162 23.43 32.11 9.25
C THR C 162 22.58 31.63 8.06
N ILE C 163 21.40 32.22 7.89
CA ILE C 163 20.38 31.68 6.99
C ILE C 163 19.46 32.73 6.38
N PRO C 164 18.74 32.35 5.30
CA PRO C 164 17.69 33.22 4.74
C PRO C 164 16.70 33.66 5.79
N SER C 165 16.29 34.93 5.79
CA SER C 165 15.40 35.44 6.81
C SER C 165 14.04 34.73 6.82
N ARG C 166 13.55 34.30 5.65
CA ARG C 166 12.26 33.57 5.62
C ARG C 166 12.31 32.32 6.48
N LEU C 167 13.41 31.57 6.38
CA LEU C 167 13.58 30.38 7.21
C LEU C 167 13.71 30.76 8.67
N ALA C 168 14.53 31.78 8.95
CA ALA C 168 14.70 32.25 10.31
C ALA C 168 13.36 32.62 10.97
N ARG C 169 12.53 33.36 10.25
CA ARG C 169 11.27 33.83 10.82
C ARG C 169 10.33 32.65 11.12
N TRP C 170 10.42 31.59 10.31
CA TRP C 170 9.71 30.34 10.59
C TRP C 170 9.98 29.74 11.94
N PHE C 171 11.25 29.47 12.18
CA PHE C 171 11.71 28.87 13.42
C PHE C 171 11.69 29.81 14.61
N ALA C 172 11.88 31.10 14.36
CA ALA C 172 11.73 32.09 15.43
C ALA C 172 10.32 31.97 16.01
N ASN C 173 9.34 31.73 15.15
CA ASN C 173 7.96 31.49 15.61
C ASN C 173 7.87 30.36 16.65
N ARG C 174 7.99 29.11 16.21
CA ARG C 174 7.85 27.99 17.13
C ARG C 174 9.04 27.85 18.08
N GLY C 175 10.22 27.62 17.52
CA GLY C 175 11.42 27.37 18.32
C GLY C 175 11.94 28.52 19.19
N GLY C 176 12.94 28.21 20.00
CA GLY C 176 13.50 29.21 20.88
C GLY C 176 14.41 30.23 20.21
N LEU C 177 14.46 30.19 18.87
CA LEU C 177 15.49 30.94 18.14
C LEU C 177 15.23 32.44 18.10
N THR C 178 16.28 33.21 18.38
CA THR C 178 16.26 34.67 18.27
C THR C 178 17.05 35.11 17.04
N ILE C 179 16.53 36.11 16.33
CA ILE C 179 17.15 36.59 15.09
C ILE C 179 18.05 37.79 15.36
N PHE C 180 19.25 37.76 14.76
CA PHE C 180 20.27 38.82 14.86
C PHE C 180 20.75 39.19 13.46
N PRO C 181 21.21 40.44 13.29
CA PRO C 181 21.94 40.78 12.06
C PRO C 181 23.24 40.03 11.99
N VAL C 182 23.71 39.69 10.79
CA VAL C 182 24.99 39.03 10.69
C VAL C 182 26.07 40.12 10.63
N PRO C 183 27.09 40.01 11.49
CA PRO C 183 28.13 41.06 11.54
C PRO C 183 29.16 40.91 10.42
N ILE C 184 28.71 40.43 9.28
CA ILE C 184 29.56 40.19 8.11
C ILE C 184 28.80 40.74 6.90
N GLU C 185 29.49 41.41 5.98
CA GLU C 185 28.84 41.84 4.75
C GLU C 185 28.39 40.64 3.93
N LEU C 186 27.11 40.63 3.55
CA LEU C 186 26.53 39.51 2.79
C LEU C 186 25.69 40.05 1.64
N PRO C 187 25.74 39.36 0.50
CA PRO C 187 24.89 39.78 -0.62
C PRO C 187 23.42 39.47 -0.33
N SER C 188 22.52 40.14 -1.03
CA SER C 188 21.15 39.67 -1.10
C SER C 188 21.11 38.65 -2.21
N ILE C 189 20.08 37.81 -2.25
CA ILE C 189 20.04 36.79 -3.28
C ILE C 189 18.71 36.87 -4.03
N GLU C 190 18.73 36.45 -5.29
CA GLU C 190 17.52 36.43 -6.10
C GLU C 190 17.03 35.01 -6.25
N VAL C 191 15.79 34.77 -5.84
CA VAL C 191 15.21 33.43 -5.98
C VAL C 191 14.36 33.41 -7.26
N LYS C 192 14.58 32.42 -8.11
CA LYS C 192 13.90 32.34 -9.40
C LYS C 192 13.33 30.95 -9.66
N GLN C 193 12.52 30.81 -10.71
CA GLN C 193 12.24 29.50 -11.24
C GLN C 193 12.92 29.38 -12.60
N TYR C 194 13.39 28.18 -12.90
CA TYR C 194 14.19 27.91 -14.09
C TYR C 194 13.60 26.72 -14.83
N TRP C 195 13.64 26.78 -16.15
CA TRP C 195 13.20 25.65 -16.98
C TRP C 195 13.98 25.60 -18.28
N HIS C 196 14.06 24.42 -18.90
CA HIS C 196 14.79 24.26 -20.14
C HIS C 196 13.92 24.75 -21.30
N GLU C 197 14.55 25.31 -22.33
CA GLU C 197 13.78 25.89 -23.43
C GLU C 197 13.01 24.78 -24.16
N ARG C 198 13.58 23.57 -24.17
CA ARG C 198 12.92 22.40 -24.75
C ARG C 198 11.49 22.23 -24.25
N TYR C 199 11.20 22.65 -23.03
CA TYR C 199 9.85 22.52 -22.50
C TYR C 199 9.19 23.88 -22.28
N ASP C 200 9.71 24.91 -22.95
CA ASP C 200 9.15 26.24 -22.79
C ASP C 200 7.71 26.33 -23.26
N LYS C 201 7.37 25.45 -24.21
CA LYS C 201 6.04 25.46 -24.82
C LYS C 201 5.17 24.30 -24.35
N ASP C 202 5.73 23.39 -23.55
CA ASP C 202 4.96 22.28 -23.01
C ASP C 202 3.89 22.77 -22.04
N PRO C 203 2.61 22.54 -22.38
CA PRO C 203 1.46 23.08 -21.63
C PRO C 203 1.46 22.76 -20.13
N GLY C 204 1.91 21.56 -19.77
CA GLY C 204 2.02 21.19 -18.36
C GLY C 204 3.02 22.08 -17.64
N ASN C 205 4.19 22.22 -18.25
CA ASN C 205 5.20 23.11 -17.69
C ASN C 205 4.68 24.54 -17.56
N ILE C 206 4.11 25.06 -18.66
CA ILE C 206 3.54 26.39 -18.67
C ILE C 206 2.55 26.60 -17.55
N TRP C 207 1.69 25.62 -17.32
CA TRP C 207 0.69 25.73 -16.27
C TRP C 207 1.33 25.83 -14.89
N LEU C 208 2.33 25.00 -14.63
CA LEU C 208 2.99 25.01 -13.33
C LEU C 208 3.75 26.33 -13.14
N ARG C 209 4.42 26.80 -14.20
CA ARG C 209 5.17 28.05 -14.10
C ARG C 209 4.28 29.20 -13.72
N ARG C 210 3.08 29.23 -14.29
CA ARG C 210 2.18 30.34 -14.08
C ARG C 210 1.54 30.30 -12.70
N VAL C 211 1.28 29.09 -12.19
CA VAL C 211 0.82 28.93 -10.80
C VAL C 211 1.89 29.47 -9.82
N ILE C 212 3.14 29.15 -10.13
CA ILE C 212 4.27 29.53 -9.27
C ILE C 212 4.48 31.05 -9.31
N ALA C 213 4.36 31.65 -10.50
CA ALA C 213 4.46 33.10 -10.65
C ALA C 213 3.38 33.82 -9.85
N LYS C 214 2.28 33.12 -9.55
CA LYS C 214 1.16 33.72 -8.83
C LYS C 214 1.28 33.64 -7.30
N ILE C 215 2.22 32.85 -6.79
CA ILE C 215 2.37 32.73 -5.34
C ILE C 215 2.87 34.03 -4.71
N GLY C 216 2.29 34.41 -3.57
CA GLY C 216 2.83 35.52 -2.80
C GLY C 216 3.81 34.96 -1.78
N PHE C 217 5.07 35.36 -1.89
CA PHE C 217 6.12 34.69 -1.10
C PHE C 217 6.59 35.41 0.17
N GLN C 218 5.76 36.29 0.70
CA GLN C 218 5.99 36.89 2.01
C GLN C 218 4.74 36.67 2.87
N ASN C 219 3.96 35.67 2.45
CA ASN C 219 2.64 35.39 3.01
C ASN C 219 2.45 33.89 3.30
N PRO C 220 1.47 33.52 4.15
CA PRO C 220 1.24 32.10 4.47
C PRO C 220 0.73 31.29 3.26
N PRO C 221 0.68 29.94 3.38
CA PRO C 221 0.03 29.16 2.32
C PRO C 221 -1.49 29.38 2.27
N ALA C 222 -2.10 29.21 1.09
CA ALA C 222 -3.54 29.38 0.92
C ALA C 222 -4.31 28.20 1.51
N ARG D 5 47.31 8.60 13.93
CA ARG D 5 47.03 9.11 15.28
C ARG D 5 45.82 10.01 15.37
N PHE D 6 45.10 9.88 16.45
CA PHE D 6 44.00 10.78 16.73
C PHE D 6 43.94 11.06 18.22
N ASP D 7 44.09 12.33 18.56
CA ASP D 7 43.91 12.77 19.93
C ASP D 7 42.76 13.76 19.93
N PRO D 8 41.63 13.38 20.52
CA PRO D 8 40.43 14.21 20.46
C PRO D 8 40.71 15.60 20.98
N GLY D 9 41.56 15.71 22.00
CA GLY D 9 41.88 16.99 22.57
C GLY D 9 42.51 18.01 21.65
N THR D 10 43.15 17.57 20.57
CA THR D 10 43.85 18.53 19.72
C THR D 10 43.50 18.40 18.25
N SER D 11 42.88 17.29 17.88
CA SER D 11 42.56 17.03 16.48
C SER D 11 41.67 18.10 15.86
N ASN D 12 41.91 18.41 14.58
CA ASN D 12 40.99 19.26 13.82
C ASN D 12 40.35 18.48 12.67
N ARG D 13 40.28 17.16 12.83
CA ARG D 13 39.66 16.30 11.86
C ARG D 13 38.18 16.68 11.64
N ASN D 14 37.73 16.56 10.40
CA ASN D 14 36.33 16.72 10.01
C ASN D 14 35.76 15.33 9.73
N PHE D 15 34.92 14.82 10.63
CA PHE D 15 34.28 13.53 10.39
C PHE D 15 33.02 13.72 9.54
N ARG D 16 32.81 12.83 8.58
CA ARG D 16 31.64 12.90 7.72
C ARG D 16 30.73 11.72 8.04
N ILE D 17 29.48 12.04 8.39
CA ILE D 17 28.50 11.02 8.70
C ILE D 17 27.39 11.04 7.64
N ALA D 18 27.20 9.91 6.95
CA ALA D 18 26.10 9.78 5.99
C ALA D 18 24.83 9.36 6.70
N ALA D 19 23.75 10.07 6.43
CA ALA D 19 22.48 9.81 7.11
C ALA D 19 21.35 10.59 6.43
N SER D 20 20.12 10.15 6.61
CA SER D 20 18.97 10.93 6.14
C SER D 20 19.02 12.30 6.81
N ASP D 21 18.21 13.25 6.34
CA ASP D 21 18.21 14.57 6.95
C ASP D 21 17.77 14.46 8.42
N PHE D 22 16.78 13.62 8.72
CA PHE D 22 16.38 13.46 10.13
C PHE D 22 17.47 12.77 10.96
N GLY D 23 18.15 11.78 10.37
CA GLY D 23 19.26 11.13 11.03
C GLY D 23 20.36 12.10 11.42
N GLN D 24 20.66 13.05 10.55
CA GLN D 24 21.63 14.10 10.84
C GLN D 24 21.14 15.00 11.96
N ALA D 25 19.86 15.37 11.90
CA ALA D 25 19.29 16.24 12.91
C ALA D 25 19.25 15.55 14.27
N LEU D 26 19.07 14.24 14.28
CA LEU D 26 19.06 13.44 15.50
C LEU D 26 20.47 13.27 16.10
N MET D 27 21.43 12.98 15.23
CA MET D 27 22.80 12.65 15.66
C MET D 27 23.61 13.85 16.13
N LEU D 28 23.74 14.85 15.27
CA LEU D 28 24.74 15.91 15.52
C LEU D 28 24.54 16.63 16.88
N PRO D 29 23.29 16.99 17.24
CA PRO D 29 23.15 17.62 18.55
C PRO D 29 23.58 16.74 19.71
N ARG D 30 23.57 15.42 19.53
CA ARG D 30 23.94 14.53 20.62
C ARG D 30 25.44 14.29 20.68
N LEU D 31 26.16 14.85 19.71
CA LEU D 31 27.64 14.88 19.73
C LEU D 31 28.18 16.18 20.29
N TYR D 32 27.35 17.21 20.32
CA TYR D 32 27.80 18.56 20.67
C TYR D 32 28.58 18.63 22.00
N ALA D 33 28.02 18.06 23.06
CA ALA D 33 28.67 18.14 24.37
C ALA D 33 30.04 17.47 24.37
N THR D 34 30.14 16.29 23.76
CA THR D 34 31.43 15.59 23.66
C THR D 34 32.46 16.43 22.92
N LEU D 35 32.04 17.09 21.85
CA LEU D 35 32.96 17.95 21.10
C LEU D 35 33.40 19.13 21.94
N GLU D 36 32.47 19.82 22.60
CA GLU D 36 32.83 21.00 23.38
C GLU D 36 33.77 20.64 24.54
N GLU D 37 33.46 19.54 25.21
CA GLU D 37 34.16 19.14 26.42
C GLU D 37 35.46 18.39 26.14
N THR D 38 35.50 17.54 25.11
CA THR D 38 36.69 16.70 24.92
C THR D 38 37.39 16.82 23.55
N ALA D 39 36.78 17.50 22.60
CA ALA D 39 37.36 17.53 21.26
C ALA D 39 36.98 18.81 20.53
N PRO D 40 37.41 19.96 21.08
CA PRO D 40 36.85 21.27 20.70
C PRO D 40 37.18 21.76 19.28
N GLN D 41 38.14 21.16 18.57
CA GLN D 41 38.33 21.54 17.17
C GLN D 41 37.93 20.42 16.21
N VAL D 42 37.30 19.36 16.71
CA VAL D 42 36.80 18.34 15.82
C VAL D 42 35.48 18.84 15.23
N ARG D 43 35.35 18.68 13.92
CA ARG D 43 34.18 19.13 13.15
C ARG D 43 33.37 17.88 12.73
N VAL D 44 32.04 17.98 12.72
CA VAL D 44 31.24 16.86 12.20
C VAL D 44 30.36 17.38 11.09
N THR D 45 30.39 16.70 9.95
CA THR D 45 29.62 17.05 8.78
C THR D 45 28.55 15.98 8.52
N GLY D 46 27.30 16.41 8.41
CA GLY D 46 26.24 15.51 7.99
C GLY D 46 26.17 15.50 6.47
N VAL D 47 26.18 14.31 5.87
CA VAL D 47 26.18 14.18 4.41
C VAL D 47 24.89 13.50 3.97
N ASN D 48 24.20 14.07 2.99
CA ASN D 48 22.96 13.48 2.51
C ASN D 48 23.24 12.13 1.85
N LEU D 49 22.24 11.25 1.91
CA LEU D 49 22.30 9.97 1.22
C LEU D 49 22.32 10.19 -0.27
N ARG D 50 22.99 9.30 -1.00
CA ARG D 50 23.12 9.44 -2.44
C ARG D 50 22.63 8.19 -3.15
N HIS D 51 22.41 8.32 -4.46
CA HIS D 51 21.94 7.20 -5.27
C HIS D 51 22.98 6.09 -5.39
N GLY D 52 24.25 6.47 -5.56
CA GLY D 52 25.32 5.50 -5.70
C GLY D 52 25.50 4.58 -4.50
N PRO D 53 26.35 3.56 -4.63
CA PRO D 53 26.54 2.62 -3.52
C PRO D 53 27.34 3.23 -2.37
N LEU D 54 26.73 3.22 -1.19
CA LEU D 54 27.31 3.79 0.01
C LEU D 54 28.59 3.04 0.43
N VAL D 55 28.66 1.76 0.09
CA VAL D 55 29.80 0.93 0.50
C VAL D 55 31.10 1.48 -0.08
N GLU D 56 31.02 2.12 -1.24
CA GLU D 56 32.20 2.66 -1.90
C GLU D 56 32.64 3.99 -1.28
N GLU D 57 31.69 4.74 -0.76
CA GLU D 57 32.01 5.97 -0.03
C GLU D 57 32.68 5.63 1.30
N LEU D 58 32.20 4.58 1.94
CA LEU D 58 32.80 4.13 3.20
C LEU D 58 34.19 3.52 2.94
N GLU D 59 34.32 2.82 1.83
CA GLU D 59 35.59 2.19 1.47
C GLU D 59 36.66 3.26 1.20
N SER D 60 36.31 4.26 0.41
CA SER D 60 37.28 5.27 -0.02
C SER D 60 37.65 6.26 1.09
N GLY D 61 36.94 6.22 2.21
CA GLY D 61 37.14 7.17 3.28
C GLY D 61 36.40 8.48 3.11
N SER D 62 35.59 8.55 2.06
CA SER D 62 34.79 9.74 1.78
C SER D 62 33.71 9.98 2.84
N ILE D 63 33.23 8.90 3.44
CA ILE D 63 32.30 8.94 4.55
C ILE D 63 32.96 8.16 5.67
N ASP D 64 32.93 8.66 6.90
CA ASP D 64 33.51 7.89 8.00
C ASP D 64 32.56 6.84 8.60
N ILE D 65 31.32 7.25 8.82
CA ILE D 65 30.30 6.42 9.47
C ILE D 65 29.00 6.64 8.71
N ALA D 66 28.23 5.58 8.46
CA ALA D 66 26.84 5.78 8.05
C ALA D 66 25.92 5.44 9.23
N PHE D 67 24.89 6.27 9.42
CA PHE D 67 23.94 6.17 10.52
C PHE D 67 22.54 6.05 9.92
N GLY D 68 21.86 4.95 10.22
CA GLY D 68 20.54 4.71 9.68
C GLY D 68 20.28 3.21 9.60
N GLY D 69 19.37 2.82 8.71
CA GLY D 69 19.13 1.41 8.44
C GLY D 69 19.44 1.20 6.98
N PHE D 70 20.44 0.38 6.68
CA PHE D 70 20.92 0.22 5.31
C PHE D 70 21.07 -1.26 5.01
N PRO D 71 19.97 -1.91 4.63
CA PRO D 71 19.97 -3.37 4.51
C PRO D 71 20.88 -3.91 3.40
N THR D 72 21.37 -3.08 2.48
CA THR D 72 22.30 -3.56 1.45
C THR D 72 23.76 -3.46 1.85
N LEU D 73 24.06 -2.80 2.97
CA LEU D 73 25.44 -2.71 3.46
C LEU D 73 25.83 -3.98 4.20
N SER D 74 26.64 -4.83 3.58
CA SER D 74 27.06 -6.07 4.24
C SER D 74 28.51 -6.44 3.96
N ALA D 75 28.84 -6.64 2.70
CA ALA D 75 30.20 -7.07 2.35
C ALA D 75 31.21 -5.98 2.65
N GLY D 76 32.15 -6.29 3.54
CA GLY D 76 33.24 -5.37 3.84
C GLY D 76 32.86 -4.36 4.91
N ILE D 77 31.65 -4.50 5.43
CA ILE D 77 31.12 -3.52 6.38
C ILE D 77 30.96 -4.12 7.75
N LYS D 78 31.33 -3.37 8.75
CA LYS D 78 31.04 -3.72 10.13
C LYS D 78 29.91 -2.83 10.61
N THR D 79 29.09 -3.34 11.51
CA THR D 79 27.93 -2.59 11.96
C THR D 79 27.76 -2.71 13.46
N GLN D 80 27.07 -1.76 14.05
CA GLN D 80 26.65 -1.89 15.43
C GLN D 80 25.24 -1.33 15.58
N THR D 81 24.30 -2.17 16.01
CA THR D 81 22.91 -1.74 16.16
C THR D 81 22.79 -0.82 17.35
N LEU D 82 22.03 0.27 17.18
CA LEU D 82 22.00 1.32 18.19
C LEU D 82 20.67 1.40 18.91
N PHE D 83 19.57 1.30 18.16
CA PHE D 83 18.24 1.33 18.77
C PHE D 83 17.21 0.89 17.74
N ARG D 84 15.98 0.68 18.20
CA ARG D 84 14.86 0.35 17.32
C ARG D 84 13.93 1.53 17.23
N GLU D 85 13.22 1.63 16.10
CA GLU D 85 12.29 2.71 15.91
C GLU D 85 10.99 2.12 15.35
N GLU D 86 9.86 2.78 15.65
CA GLU D 86 8.55 2.39 15.14
C GLU D 86 7.92 3.59 14.46
N TYR D 87 6.92 3.34 13.59
CA TYR D 87 6.30 4.42 12.82
C TYR D 87 4.97 4.86 13.43
N VAL D 88 4.66 6.14 13.27
CA VAL D 88 3.34 6.66 13.61
C VAL D 88 2.89 7.54 12.48
N CYS D 89 1.66 8.04 12.58
CA CYS D 89 1.15 9.04 11.64
C CYS D 89 1.04 10.40 12.31
N VAL D 90 1.13 11.46 11.51
CA VAL D 90 0.90 12.80 12.01
C VAL D 90 0.01 13.58 11.03
N MET D 91 -0.69 14.57 11.56
CA MET D 91 -1.39 15.57 10.77
C MET D 91 -1.43 16.85 11.58
N ARG D 92 -1.67 17.99 10.93
CA ARG D 92 -1.66 19.26 11.65
C ARG D 92 -2.84 19.39 12.61
N GLN D 93 -2.68 20.19 13.65
CA GLN D 93 -3.68 20.33 14.72
C GLN D 93 -5.02 20.77 14.14
N SER D 94 -5.00 21.55 13.06
CA SER D 94 -6.24 22.04 12.47
C SER D 94 -6.79 21.13 11.37
N HIS D 95 -6.31 19.89 11.31
CA HIS D 95 -6.76 18.98 10.26
C HIS D 95 -8.22 18.62 10.49
N PRO D 96 -9.02 18.63 9.40
CA PRO D 96 -10.46 18.35 9.47
C PRO D 96 -10.75 16.99 10.11
N ALA D 97 -9.98 15.97 9.71
CA ALA D 97 -10.20 14.62 10.22
C ALA D 97 -9.73 14.44 11.67
N LEU D 98 -9.31 15.52 12.31
CA LEU D 98 -8.81 15.41 13.67
C LEU D 98 -9.91 15.10 14.67
N THR D 99 -11.10 15.60 14.36
CA THR D 99 -12.26 15.42 15.24
C THR D 99 -12.65 13.95 15.35
N HIS D 100 -12.61 13.23 14.23
CA HIS D 100 -13.05 11.84 14.21
C HIS D 100 -11.93 10.87 13.88
N GLY D 101 -11.98 9.68 14.49
CA GLY D 101 -10.97 8.67 14.26
C GLY D 101 -10.91 8.20 12.81
N LEU D 102 -9.69 7.90 12.35
CA LEU D 102 -9.50 7.42 10.99
C LEU D 102 -9.27 5.91 10.95
N ASP D 103 -10.30 5.17 10.52
CA ASP D 103 -10.13 3.76 10.21
C ASP D 103 -9.37 3.64 8.89
N LEU D 104 -9.11 2.41 8.46
CA LEU D 104 -8.23 2.20 7.33
C LEU D 104 -8.76 2.84 6.06
N GLU D 105 -10.05 2.70 5.79
CA GLU D 105 -10.58 3.21 4.54
C GLU D 105 -10.64 4.74 4.53
N ALA D 106 -10.88 5.34 5.70
CA ALA D 106 -10.85 6.81 5.81
C ALA D 106 -9.43 7.32 5.61
N PHE D 107 -8.47 6.65 6.24
CA PHE D 107 -7.05 6.85 6.01
C PHE D 107 -6.72 6.85 4.51
N ARG D 108 -7.16 5.82 3.80
CA ARG D 108 -6.83 5.68 2.39
C ARG D 108 -7.38 6.84 1.53
N GLN D 109 -8.43 7.51 2.00
CA GLN D 109 -9.03 8.59 1.20
C GLN D 109 -8.53 9.99 1.55
N CYS D 110 -7.76 10.11 2.63
CA CYS D 110 -7.09 11.38 2.91
C CYS D 110 -5.99 11.61 1.89
N ARG D 111 -5.41 12.81 1.91
CA ARG D 111 -4.27 13.13 1.06
C ARG D 111 -3.00 12.85 1.85
N HIS D 112 -1.99 12.30 1.18
CA HIS D 112 -0.77 11.90 1.84
C HIS D 112 0.46 12.60 1.26
N ILE D 113 1.46 12.81 2.10
CA ILE D 113 2.81 13.12 1.63
C ILE D 113 3.67 11.89 1.95
N ILE D 114 4.45 11.44 0.98
CA ILE D 114 5.30 10.26 1.12
C ILE D 114 6.77 10.64 1.12
N VAL D 115 7.54 10.21 2.11
CA VAL D 115 9.00 10.34 2.01
C VAL D 115 9.52 9.14 1.24
N THR D 116 10.23 9.41 0.15
CA THR D 116 10.72 8.34 -0.70
C THR D 116 12.18 8.04 -0.36
N ALA D 117 12.52 6.78 -0.21
CA ALA D 117 13.86 6.41 0.24
C ALA D 117 14.44 5.20 -0.48
N HIS D 118 13.68 4.58 -1.37
CA HIS D 118 14.17 3.37 -2.05
C HIS D 118 15.41 3.67 -2.89
N GLU D 119 15.53 4.89 -3.40
CA GLU D 119 16.70 5.26 -4.20
C GLU D 119 18.00 5.24 -3.38
N PHE D 120 17.88 5.35 -2.06
CA PHE D 120 19.05 5.40 -1.17
C PHE D 120 19.28 4.09 -0.47
N ASN D 121 18.39 3.13 -0.74
CA ASN D 121 18.40 1.82 -0.09
C ASN D 121 18.44 1.96 1.43
N HIS D 122 17.66 2.93 1.90
CA HIS D 122 17.44 3.16 3.30
C HIS D 122 16.19 2.39 3.70
N VAL D 123 16.17 1.85 4.92
CA VAL D 123 15.15 0.93 5.40
C VAL D 123 13.74 1.53 5.39
N HIS D 124 13.64 2.86 5.38
CA HIS D 124 12.33 3.50 5.24
C HIS D 124 11.61 3.06 3.96
N GLU D 125 12.40 2.58 3.00
CA GLU D 125 11.86 2.07 1.74
C GLU D 125 10.79 1.00 1.99
N GLN D 126 10.90 0.30 3.12
CA GLN D 126 9.93 -0.75 3.46
C GLN D 126 8.59 -0.15 3.78
N VAL D 127 8.60 1.00 4.45
CA VAL D 127 7.36 1.71 4.78
C VAL D 127 6.83 2.37 3.51
N GLU D 128 7.72 2.98 2.74
CA GLU D 128 7.35 3.55 1.46
C GLU D 128 6.63 2.53 0.58
N ALA D 129 7.19 1.33 0.46
CA ALA D 129 6.54 0.29 -0.33
C ALA D 129 5.14 -0.07 0.21
N ARG D 130 4.98 -0.16 1.53
CA ARG D 130 3.67 -0.48 2.09
C ARG D 130 2.64 0.60 1.80
N LEU D 131 3.05 1.87 1.92
CA LEU D 131 2.17 2.99 1.67
C LEU D 131 1.79 3.08 0.18
N LEU D 132 2.74 2.82 -0.70
CA LEU D 132 2.43 2.85 -2.14
C LEU D 132 1.48 1.73 -2.55
N GLU D 133 1.61 0.60 -1.86
CA GLU D 133 0.72 -0.53 -2.08
C GLU D 133 -0.68 -0.22 -1.56
N LEU D 134 -0.73 0.27 -0.33
CA LEU D 134 -1.99 0.54 0.36
C LEU D 134 -2.84 1.66 -0.26
N LEU D 135 -2.18 2.75 -0.66
CA LEU D 135 -2.92 3.98 -0.98
C LEU D 135 -3.35 4.07 -2.42
N PRO D 136 -4.56 4.58 -2.68
CA PRO D 136 -4.94 4.96 -4.04
C PRO D 136 -3.94 5.95 -4.59
N PRO D 137 -3.51 5.79 -5.84
CA PRO D 137 -2.55 6.70 -6.45
C PRO D 137 -2.98 8.15 -6.29
N GLU D 138 -4.28 8.41 -6.38
CA GLU D 138 -4.77 9.77 -6.29
C GLU D 138 -4.70 10.35 -4.87
N SER D 139 -4.43 9.51 -3.88
CA SER D 139 -4.36 10.00 -2.50
C SER D 139 -2.97 10.54 -2.16
N ILE D 140 -2.02 10.33 -3.04
CA ILE D 140 -0.65 10.78 -2.78
C ILE D 140 -0.45 12.09 -3.50
N ARG D 141 -0.43 13.17 -2.73
CA ARG D 141 -0.31 14.50 -3.30
C ARG D 141 1.14 14.97 -3.42
N PHE D 142 1.96 14.68 -2.41
CA PHE D 142 3.37 15.12 -2.38
C PHE D 142 4.33 13.99 -2.14
N THR D 143 5.53 14.12 -2.67
CA THR D 143 6.62 13.23 -2.37
C THR D 143 7.86 14.08 -2.10
N THR D 144 8.74 13.64 -1.21
CA THR D 144 10.02 14.32 -1.01
C THR D 144 11.01 13.30 -0.50
N GLU D 145 12.30 13.57 -0.66
CA GLU D 145 13.34 12.69 -0.12
C GLU D 145 13.72 13.03 1.30
N ASN D 146 13.26 14.18 1.78
CA ASN D 146 13.66 14.66 3.12
C ASN D 146 12.55 14.55 4.13
N PHE D 147 12.86 13.93 5.26
CA PHE D 147 11.91 13.80 6.34
C PHE D 147 11.48 15.15 6.93
N LEU D 148 12.44 16.06 7.13
CA LEU D 148 12.11 17.36 7.75
C LEU D 148 11.24 18.19 6.80
N VAL D 149 11.53 18.13 5.51
CA VAL D 149 10.66 18.78 4.54
C VAL D 149 9.21 18.26 4.68
N SER D 150 9.05 16.95 4.72
CA SER D 150 7.71 16.39 4.74
C SER D 150 7.00 16.82 6.01
N ALA D 151 7.73 16.89 7.12
CA ALA D 151 7.12 17.26 8.38
C ALA D 151 6.63 18.70 8.35
N VAL D 152 7.40 19.62 7.77
CA VAL D 152 6.90 20.98 7.85
C VAL D 152 5.77 21.18 6.81
N ILE D 153 5.79 20.40 5.75
CA ILE D 153 4.67 20.44 4.79
C ILE D 153 3.37 19.95 5.46
N ALA D 154 3.45 18.87 6.23
CA ALA D 154 2.30 18.39 7.02
C ALA D 154 1.82 19.44 8.02
N GLU D 155 2.73 20.24 8.57
CA GLU D 155 2.33 21.33 9.47
C GLU D 155 1.51 22.41 8.78
N GLU D 156 1.78 22.62 7.50
CA GLU D 156 1.22 23.74 6.73
C GLU D 156 0.04 23.36 5.82
N THR D 157 -0.28 22.07 5.72
CA THR D 157 -1.33 21.63 4.80
C THR D 157 -2.09 20.46 5.42
N ASP D 158 -3.18 20.03 4.80
CA ASP D 158 -3.91 18.90 5.36
C ASP D 158 -3.43 17.52 4.83
N VAL D 159 -2.13 17.26 4.77
CA VAL D 159 -1.68 15.94 4.33
C VAL D 159 -1.33 15.05 5.52
N ILE D 160 -1.44 13.74 5.34
CA ILE D 160 -1.10 12.78 6.37
C ILE D 160 0.31 12.29 6.07
N LEU D 161 1.13 12.18 7.11
CA LEU D 161 2.50 11.79 6.95
C LEU D 161 2.81 10.63 7.89
N THR D 162 3.46 9.60 7.36
CA THR D 162 3.82 8.42 8.14
C THR D 162 5.34 8.38 8.36
N ILE D 163 5.79 8.47 9.61
CA ILE D 163 7.21 8.73 9.91
C ILE D 163 7.67 8.07 11.21
N PRO D 164 8.99 7.91 11.38
CA PRO D 164 9.55 7.42 12.65
C PRO D 164 9.06 8.23 13.86
N SER D 165 8.78 7.55 14.96
CA SER D 165 8.12 8.19 16.08
C SER D 165 9.00 9.29 16.68
N ARG D 166 10.33 9.12 16.65
CA ARG D 166 11.19 10.14 17.23
C ARG D 166 11.04 11.47 16.52
N LEU D 167 10.90 11.41 15.20
CA LEU D 167 10.70 12.61 14.40
C LEU D 167 9.32 13.22 14.68
N ALA D 168 8.31 12.36 14.73
CA ALA D 168 6.95 12.82 15.01
C ALA D 168 6.88 13.53 16.36
N ARG D 169 7.51 12.93 17.36
CA ARG D 169 7.54 13.50 18.71
C ARG D 169 8.21 14.88 18.74
N TRP D 170 9.29 15.05 17.99
CA TRP D 170 10.01 16.32 18.04
C TRP D 170 9.12 17.44 17.51
N PHE D 171 8.40 17.19 16.43
CA PHE D 171 7.50 18.21 15.90
C PHE D 171 6.24 18.34 16.74
N ALA D 172 5.73 17.23 17.26
CA ALA D 172 4.47 17.29 17.99
C ALA D 172 4.67 18.12 19.26
N ASN D 173 5.84 17.98 19.88
CA ASN D 173 6.15 18.68 21.12
C ASN D 173 6.13 20.19 21.00
N ARG D 174 6.25 20.66 19.76
CA ARG D 174 6.30 22.09 19.53
C ARG D 174 4.93 22.57 19.09
N GLY D 175 3.99 21.63 18.97
CA GLY D 175 2.59 21.96 18.79
C GLY D 175 2.02 21.94 17.38
N GLY D 176 2.88 21.90 16.37
CA GLY D 176 2.44 21.96 14.99
C GLY D 176 1.73 20.71 14.47
N LEU D 177 2.03 19.55 15.04
CA LEU D 177 1.48 18.28 14.61
C LEU D 177 0.87 17.50 15.75
N THR D 178 -0.10 16.65 15.43
CA THR D 178 -0.60 15.71 16.41
C THR D 178 -0.35 14.31 15.88
N ILE D 179 -0.11 13.38 16.78
CA ILE D 179 0.28 12.02 16.45
C ILE D 179 -0.91 11.04 16.57
N PHE D 180 -1.04 10.10 15.64
CA PHE D 180 -1.99 9.00 15.81
C PHE D 180 -1.40 7.70 15.26
N PRO D 181 -1.92 6.55 15.70
CA PRO D 181 -1.29 5.31 15.26
C PRO D 181 -1.53 5.03 13.78
N VAL D 182 -0.54 4.45 13.10
CA VAL D 182 -0.73 3.93 11.75
C VAL D 182 -1.81 2.85 11.79
N PRO D 183 -2.82 2.94 10.90
CA PRO D 183 -3.90 1.93 10.91
C PRO D 183 -3.54 0.59 10.23
N ILE D 184 -2.28 0.40 9.88
CA ILE D 184 -1.78 -0.89 9.48
C ILE D 184 -0.56 -1.21 10.32
N GLU D 185 -0.13 -2.47 10.28
CA GLU D 185 1.04 -2.89 11.03
C GLU D 185 2.31 -2.77 10.16
N LEU D 186 3.19 -1.84 10.54
CA LEU D 186 4.45 -1.57 9.81
C LEU D 186 5.64 -2.25 10.47
N PRO D 187 6.71 -2.51 9.70
CA PRO D 187 7.92 -3.11 10.32
C PRO D 187 8.50 -2.21 11.41
N SER D 188 9.04 -2.84 12.44
CA SER D 188 9.92 -2.14 13.37
C SER D 188 11.28 -2.06 12.65
N ILE D 189 11.98 -0.93 12.72
CA ILE D 189 13.26 -0.85 12.01
C ILE D 189 14.42 -0.77 12.99
N GLU D 190 15.58 -1.27 12.57
CA GLU D 190 16.79 -1.15 13.37
C GLU D 190 17.69 -0.05 12.85
N VAL D 191 18.04 0.87 13.73
CA VAL D 191 18.97 1.93 13.37
C VAL D 191 20.36 1.57 13.89
N LYS D 192 21.36 1.62 13.01
CA LYS D 192 22.71 1.18 13.36
C LYS D 192 23.74 2.21 12.94
N GLN D 193 24.99 1.99 13.34
CA GLN D 193 26.11 2.67 12.68
C GLN D 193 26.94 1.67 11.90
N TYR D 194 27.47 2.11 10.76
CA TYR D 194 28.19 1.24 9.85
C TYR D 194 29.53 1.87 9.55
N TRP D 195 30.59 1.06 9.51
CA TRP D 195 31.87 1.53 9.00
C TRP D 195 32.54 0.46 8.14
N HIS D 196 33.49 0.87 7.31
CA HIS D 196 34.19 -0.10 6.49
C HIS D 196 35.30 -0.78 7.27
N GLU D 197 35.56 -2.04 6.92
CA GLU D 197 36.65 -2.85 7.50
C GLU D 197 37.98 -2.13 7.47
N ARG D 198 38.23 -1.48 6.34
CA ARG D 198 39.48 -0.81 6.08
C ARG D 198 39.77 0.24 7.16
N TYR D 199 38.74 0.66 7.89
CA TYR D 199 38.91 1.70 8.89
C TYR D 199 38.56 1.20 10.29
N ASP D 200 38.50 -0.12 10.42
CA ASP D 200 38.16 -0.72 11.70
C ASP D 200 39.16 -0.33 12.78
N LYS D 201 40.44 -0.25 12.39
CA LYS D 201 41.52 0.03 13.35
C LYS D 201 42.00 1.49 13.33
N ASP D 202 41.31 2.34 12.55
CA ASP D 202 41.63 3.76 12.50
C ASP D 202 41.20 4.44 13.80
N PRO D 203 42.16 5.07 14.52
CA PRO D 203 41.93 5.66 15.85
C PRO D 203 40.79 6.68 15.86
N GLY D 204 40.72 7.54 14.86
CA GLY D 204 39.66 8.54 14.77
C GLY D 204 38.30 7.88 14.61
N ASN D 205 38.23 6.90 13.71
CA ASN D 205 36.98 6.18 13.48
C ASN D 205 36.53 5.48 14.74
N ILE D 206 37.47 4.76 15.36
CA ILE D 206 37.23 4.12 16.66
C ILE D 206 36.66 5.10 17.69
N TRP D 207 37.28 6.28 17.81
CA TRP D 207 36.82 7.25 18.79
C TRP D 207 35.36 7.64 18.48
N LEU D 208 35.05 7.89 17.22
CA LEU D 208 33.71 8.38 16.87
C LEU D 208 32.67 7.29 17.14
N ARG D 209 32.96 6.06 16.71
CA ARG D 209 32.09 4.90 17.02
C ARG D 209 31.76 4.77 18.51
N ARG D 210 32.77 4.87 19.39
CA ARG D 210 32.53 4.71 20.81
C ARG D 210 31.70 5.85 21.34
N VAL D 211 31.94 7.05 20.83
CA VAL D 211 31.12 8.18 21.23
C VAL D 211 29.65 7.93 20.84
N ILE D 212 29.44 7.52 19.60
CA ILE D 212 28.07 7.27 19.12
C ILE D 212 27.43 6.11 19.89
N ALA D 213 28.21 5.08 20.20
CA ALA D 213 27.70 3.94 20.98
C ALA D 213 27.25 4.35 22.37
N LYS D 214 27.81 5.43 22.89
CA LYS D 214 27.48 5.89 24.23
C LYS D 214 26.31 6.86 24.27
N ILE D 215 25.87 7.32 23.11
CA ILE D 215 24.75 8.26 23.07
C ILE D 215 23.48 7.59 23.61
N GLY D 216 22.74 8.30 24.46
CA GLY D 216 21.45 7.82 24.91
C GLY D 216 20.37 8.20 23.92
N PHE D 217 19.99 7.25 23.06
CA PHE D 217 18.97 7.52 22.07
C PHE D 217 17.58 7.17 22.64
N GLN D 218 17.26 7.76 23.79
CA GLN D 218 15.93 7.67 24.39
C GLN D 218 15.58 9.07 24.89
N ASN D 219 16.62 9.89 25.08
CA ASN D 219 16.51 11.19 25.75
C ASN D 219 16.88 12.38 24.84
N PRO D 220 16.58 13.61 25.28
CA PRO D 220 17.05 14.84 24.61
C PRO D 220 18.59 14.94 24.49
N PRO D 221 19.11 15.95 23.76
CA PRO D 221 20.57 16.12 23.58
C PRO D 221 21.36 16.28 24.88
N ALA D 222 22.69 16.20 24.75
CA ALA D 222 23.61 16.35 25.89
C ALA D 222 24.02 17.81 26.10
CL2 T6C E . -26.23 -17.13 0.33
C2 T6C E . -25.96 -17.19 2.05
C1 T6C E . -25.46 -18.33 2.64
C6 T6C E . -25.21 -18.34 3.99
CL6 T6C E . -24.60 -19.79 4.71
O1 T6C E . -25.21 -19.46 1.84
C3 T6C E . -26.23 -16.07 2.81
C4 T6C E . -25.98 -16.12 4.16
CL4 T6C E . -26.29 -14.70 5.08
C5 T6C E . -25.46 -17.24 4.78
C1 GOL F . -14.41 -6.31 2.34
O1 GOL F . -15.17 -5.13 2.37
C2 GOL F . -14.75 -7.04 1.05
O2 GOL F . -14.77 -6.09 0.00
C3 GOL F . -13.64 -8.06 0.78
O3 GOL F . -12.46 -7.34 0.43
C1 GOL G . -17.40 -12.15 5.16
O1 GOL G . -16.18 -12.86 5.03
C2 GOL G . -17.69 -12.11 6.65
O2 GOL G . -16.63 -12.72 7.35
C3 GOL G . -17.85 -10.68 7.11
O3 GOL G . -19.18 -10.56 7.54
CL2 T6C H . -6.34 -19.91 -10.27
C2 T6C H . -6.34 -18.88 -11.67
C1 T6C H . -7.23 -19.14 -12.68
C6 T6C H . -7.26 -18.33 -13.79
CL6 T6C H . -8.38 -18.64 -15.08
O1 T6C H . -8.12 -20.22 -12.54
C3 T6C H . -5.46 -17.83 -11.78
C4 T6C H . -5.50 -17.02 -12.89
CL4 T6C H . -4.38 -15.71 -12.99
C5 T6C H . -6.40 -17.25 -13.90
CL2 T6C I . 18.28 28.76 0.38
C2 T6C I . 16.78 29.29 -0.29
C1 T6C I . 16.21 28.57 -1.32
C6 T6C I . 15.00 28.99 -1.84
CL6 T6C I . 14.26 28.13 -3.13
O1 T6C I . 16.89 27.43 -1.82
C3 T6C I . 16.16 30.39 0.23
C4 T6C I . 14.97 30.80 -0.28
CL4 T6C I . 14.22 32.19 0.41
C5 T6C I . 14.37 30.10 -1.32
S DMS J . 16.52 15.47 17.56
O DMS J . 17.60 16.50 17.57
C1 DMS J . 15.22 15.88 16.36
C2 DMS J . 15.59 15.42 19.13
CL2 T6C K . 14.58 7.70 8.90
C2 T6C K . 15.50 7.57 10.35
C1 T6C K . 16.86 7.63 10.26
C6 T6C K . 17.62 7.54 11.41
CL6 T6C K . 19.35 7.61 11.28
O1 T6C K . 17.47 7.79 9.00
C3 T6C K . 14.87 7.42 11.57
C4 T6C K . 15.64 7.33 12.71
CL4 T6C K . 14.86 7.13 14.24
C5 T6C K . 17.03 7.40 12.64
#